data_1XV9
#
_entry.id   1XV9
#
_cell.length_a   128.442
_cell.length_b   128.442
_cell.length_c   214.530
_cell.angle_alpha   90.00
_cell.angle_beta   90.00
_cell.angle_gamma   120.00
#
_symmetry.space_group_name_H-M   'P 32 2 1'
#
loop_
_entity.id
_entity.type
_entity.pdbx_description
1 polymer 'Retinoic acid receptor RXR-alpha'
2 polymer 'Orphan nuclear receptor NR1I3'
3 polymer 'nuclear receptor coactivator 1 isoform 1'
4 non-polymer 'PENTADECANOIC ACID'
5 non-polymer (5BETA)-PREGNANE-3,20-DIONE
6 water water
#
loop_
_entity_poly.entity_id
_entity_poly.type
_entity_poly.pdbx_seq_one_letter_code
_entity_poly.pdbx_strand_id
1 'polypeptide(L)'
;NEDMPVERILEAELAVEPKTETYVEANMGLNPSSPNDPVTNICQAADKQLFTLVEWAKRIPHFSELPLDDQVILLRAGWN
ELLIASFSHRSIAVKDGILLATGLHVHRNSAHSAGVGAIFDRVLTELVSKMRDMQMDKTELGCLRAIVLFNPDSKGLSNP
AEVEALREKVYASLEAYCKHKYPEQPGRFAKLLLRLPALRSIGLKCLEHLFFFKLIGDTPIDTFLMEMLEAPHQMT
;
A,C
2 'polypeptide(L)'
;PVQLSKEQEELIRTLLGAHTRHMGTMFEQFVQFRPPAHLFIHHQPLPTLAPVLPLVTHFADINTFMVLQVIKFTKDLPVF
RSLPIEDQISLLKGAAVEICHIVLNTTFCLQTQNFLCGPLRYTIEDGARVGFQVEFLELLFHFHGTLRKLQLQEPEYVLL
AAMALFSPDRPGVTQRDEIDQLQEEMALTLQSYIKGQQRRPRDRFLYAKLLGLLAELRSINEAYGYQIQHIQGLSAMMPL
LQEICS
;
B,D
3 'polypeptide(L)' ERHKILHRLLQEG E,F,G,H
#
loop_
_chem_comp.id
_chem_comp.type
_chem_comp.name
_chem_comp.formula
CI2 non-polymer (5BETA)-PREGNANE-3,20-DIONE 'C21 H32 O2'
F15 non-polymer 'PENTADECANOIC ACID' 'C15 H30 O2'
#
# COMPACT_ATOMS: atom_id res chain seq x y z
N ASN A 1 -42.36 8.60 -17.45
CA ASN A 1 -42.36 7.49 -16.44
C ASN A 1 -42.63 8.09 -15.05
N GLU A 2 -43.91 8.19 -14.69
CA GLU A 2 -44.31 8.76 -13.40
C GLU A 2 -44.10 7.85 -12.18
N ASP A 3 -43.88 6.56 -12.43
CA ASP A 3 -43.67 5.60 -11.35
C ASP A 3 -42.47 5.93 -10.47
N MET A 4 -41.45 6.57 -11.05
CA MET A 4 -40.24 6.97 -10.30
C MET A 4 -40.25 8.50 -10.17
N PRO A 5 -40.83 9.02 -9.07
CA PRO A 5 -40.93 10.44 -8.79
C PRO A 5 -39.61 11.13 -8.45
N VAL A 6 -39.23 12.08 -9.30
CA VAL A 6 -38.01 12.85 -9.10
C VAL A 6 -38.11 13.60 -7.74
N GLU A 7 -39.35 13.88 -7.32
CA GLU A 7 -39.63 14.59 -6.07
C GLU A 7 -39.31 13.75 -4.84
N ARG A 8 -39.39 12.43 -4.97
CA ARG A 8 -39.04 11.53 -3.87
C ARG A 8 -37.52 11.49 -3.81
N ILE A 9 -36.90 11.55 -4.99
CA ILE A 9 -35.45 11.54 -5.12
C ILE A 9 -34.88 12.79 -4.43
N LEU A 10 -35.17 13.96 -4.99
CA LEU A 10 -34.68 15.21 -4.43
C LEU A 10 -35.05 15.32 -2.95
N GLU A 11 -36.21 14.80 -2.58
CA GLU A 11 -36.66 14.84 -1.19
C GLU A 11 -35.78 13.93 -0.31
N ALA A 12 -35.29 12.86 -0.91
CA ALA A 12 -34.41 11.90 -0.23
C ALA A 12 -33.02 12.52 -0.08
N GLU A 13 -32.63 13.30 -1.08
CA GLU A 13 -31.35 14.00 -1.08
C GLU A 13 -31.41 15.07 0.00
N LEU A 14 -32.50 15.85 -0.03
CA LEU A 14 -32.77 16.94 0.91
C LEU A 14 -32.89 16.43 2.35
N ALA A 15 -33.35 15.20 2.51
CA ALA A 15 -33.48 14.62 3.85
C ALA A 15 -32.09 14.29 4.42
N VAL A 16 -31.21 13.81 3.54
CA VAL A 16 -29.84 13.44 3.92
C VAL A 16 -28.99 14.59 4.47
N GLU A 17 -28.58 15.50 3.58
CA GLU A 17 -27.72 16.63 3.96
C GLU A 17 -28.06 17.29 5.29
N PRO A 18 -27.03 17.64 6.07
CA PRO A 18 -27.12 18.28 7.39
C PRO A 18 -27.99 19.54 7.40
N LYS A 19 -28.39 19.99 8.58
CA LYS A 19 -29.21 21.19 8.73
C LYS A 19 -28.36 22.35 9.27
N THR A 20 -27.13 22.02 9.68
CA THR A 20 -26.17 22.99 10.20
C THR A 20 -24.86 22.90 9.40
N GLU A 21 -24.76 23.67 8.33
CA GLU A 21 -23.57 23.65 7.47
C GLU A 21 -22.43 24.59 7.84
N THR A 22 -21.69 24.27 8.89
CA THR A 22 -20.55 25.08 9.32
C THR A 22 -19.26 24.34 8.93
N TYR A 23 -18.19 25.08 8.65
CA TYR A 23 -16.93 24.46 8.24
C TYR A 23 -15.66 25.04 8.82
N VAL A 24 -14.77 24.15 9.22
CA VAL A 24 -13.48 24.54 9.77
C VAL A 24 -12.37 24.05 8.84
N GLU A 25 -11.16 24.52 9.04
CA GLU A 25 -10.04 24.13 8.21
C GLU A 25 -9.21 23.05 8.88
N ALA A 26 -8.69 22.13 8.08
CA ALA A 26 -7.88 21.02 8.58
C ALA A 26 -6.37 21.35 8.49
N ASN A 27 -5.64 21.08 9.57
CA ASN A 27 -4.20 21.35 9.60
C ASN A 27 -3.52 20.63 8.45
N MET A 28 -2.21 20.85 8.27
CA MET A 28 -1.48 20.19 7.19
C MET A 28 -1.26 18.69 7.37
N GLY A 29 -1.84 18.13 8.42
CA GLY A 29 -1.73 16.72 8.71
C GLY A 29 -0.35 16.10 8.60
N LEU A 30 0.49 16.36 9.61
CA LEU A 30 1.84 15.79 9.67
C LEU A 30 1.91 14.84 10.87
N ASN A 31 0.80 14.74 11.61
CA ASN A 31 0.70 13.91 12.79
C ASN A 31 -0.69 13.30 12.98
N PRO A 32 -0.77 11.97 13.15
CA PRO A 32 -2.04 11.26 13.35
C PRO A 32 -2.72 11.52 14.71
N SER A 33 -2.23 12.54 15.43
CA SER A 33 -2.76 12.92 16.76
C SER A 33 -3.53 14.25 16.77
N SER A 34 -3.39 15.03 15.69
CA SER A 34 -4.07 16.32 15.59
C SER A 34 -5.55 16.12 15.27
N PRO A 35 -6.43 16.93 15.91
CA PRO A 35 -7.88 16.84 15.70
C PRO A 35 -8.28 17.10 14.24
N ASN A 36 -7.29 17.46 13.41
CA ASN A 36 -7.52 17.75 12.00
C ASN A 36 -6.67 16.94 11.02
N ASP A 37 -6.19 15.76 11.43
CA ASP A 37 -5.39 14.90 10.52
C ASP A 37 -6.27 14.50 9.34
N PRO A 38 -5.90 14.93 8.13
CA PRO A 38 -6.61 14.65 6.88
C PRO A 38 -7.11 13.21 6.70
N VAL A 39 -6.18 12.29 6.44
CA VAL A 39 -6.56 10.90 6.26
C VAL A 39 -7.64 10.50 7.26
N THR A 40 -7.29 10.56 8.53
CA THR A 40 -8.17 10.21 9.65
C THR A 40 -9.56 10.87 9.62
N ASN A 41 -9.62 12.12 9.18
CA ASN A 41 -10.89 12.85 9.11
C ASN A 41 -11.85 12.30 8.07
N ILE A 42 -11.33 11.88 6.93
CA ILE A 42 -12.14 11.32 5.87
C ILE A 42 -12.80 10.01 6.29
N CYS A 43 -12.09 9.24 7.10
CA CYS A 43 -12.58 7.97 7.60
C CYS A 43 -13.63 8.17 8.69
N GLN A 44 -13.51 9.29 9.40
CA GLN A 44 -14.48 9.68 10.44
C GLN A 44 -15.74 10.14 9.70
N ALA A 45 -15.55 10.83 8.57
CA ALA A 45 -16.62 11.34 7.72
C ALA A 45 -17.33 10.25 6.93
N ALA A 46 -16.60 9.22 6.52
CA ALA A 46 -17.19 8.12 5.75
C ALA A 46 -17.98 7.14 6.64
N ASP A 47 -17.58 7.02 7.90
CA ASP A 47 -18.28 6.17 8.84
C ASP A 47 -19.68 6.80 8.97
N LYS A 48 -19.67 8.08 9.34
CA LYS A 48 -20.86 8.91 9.52
C LYS A 48 -21.75 8.84 8.28
N GLN A 49 -21.24 9.31 7.15
CA GLN A 49 -21.99 9.32 5.91
C GLN A 49 -22.36 7.93 5.40
N LEU A 50 -21.88 6.90 6.07
CA LEU A 50 -22.23 5.56 5.65
C LEU A 50 -23.59 5.31 6.30
N PHE A 51 -23.70 5.66 7.59
CA PHE A 51 -24.98 5.49 8.28
C PHE A 51 -26.08 6.16 7.47
N THR A 52 -25.93 7.47 7.27
CA THR A 52 -26.93 8.24 6.53
C THR A 52 -27.11 7.75 5.11
N LEU A 53 -26.16 6.97 4.62
CA LEU A 53 -26.26 6.44 3.27
C LEU A 53 -27.42 5.45 3.24
N VAL A 54 -27.52 4.64 4.29
CA VAL A 54 -28.58 3.63 4.44
C VAL A 54 -29.96 4.27 4.27
N GLU A 55 -30.20 5.33 5.05
CA GLU A 55 -31.46 6.06 5.02
C GLU A 55 -31.70 6.68 3.66
N TRP A 56 -30.66 7.27 3.07
CA TRP A 56 -30.80 7.87 1.76
C TRP A 56 -31.24 6.78 0.78
N ALA A 57 -30.71 5.57 0.97
CA ALA A 57 -31.07 4.46 0.12
C ALA A 57 -32.58 4.24 0.30
N LYS A 58 -32.97 3.90 1.52
CA LYS A 58 -34.38 3.68 1.87
C LYS A 58 -35.31 4.66 1.17
N ARG A 59 -35.11 5.95 1.47
CA ARG A 59 -35.91 7.03 0.90
C ARG A 59 -35.85 7.16 -0.64
N ILE A 60 -35.32 6.14 -1.31
CA ILE A 60 -35.25 6.12 -2.77
C ILE A 60 -36.40 5.21 -3.23
N PRO A 61 -37.23 5.70 -4.16
CA PRO A 61 -38.38 4.96 -4.69
C PRO A 61 -38.13 3.49 -5.02
N HIS A 62 -38.81 2.62 -4.27
CA HIS A 62 -38.75 1.17 -4.45
C HIS A 62 -37.63 0.38 -3.80
N PHE A 63 -36.59 1.04 -3.29
CA PHE A 63 -35.50 0.29 -2.66
C PHE A 63 -35.91 -0.54 -1.45
N SER A 64 -36.94 -0.09 -0.72
CA SER A 64 -37.41 -0.85 0.43
C SER A 64 -38.16 -2.11 -0.02
N GLU A 65 -38.78 -2.02 -1.21
CA GLU A 65 -39.53 -3.15 -1.80
C GLU A 65 -38.67 -4.40 -2.02
N LEU A 66 -37.42 -4.17 -2.43
CA LEU A 66 -36.44 -5.23 -2.72
C LEU A 66 -36.16 -6.19 -1.56
N PRO A 67 -35.71 -7.42 -1.89
CA PRO A 67 -35.39 -8.44 -0.86
C PRO A 67 -34.32 -7.88 0.05
N LEU A 68 -34.35 -8.26 1.33
CA LEU A 68 -33.36 -7.75 2.28
C LEU A 68 -31.91 -7.98 1.86
N ASP A 69 -31.65 -9.09 1.17
CA ASP A 69 -30.30 -9.40 0.73
C ASP A 69 -29.88 -8.65 -0.53
N ASP A 70 -30.84 -8.36 -1.41
CA ASP A 70 -30.52 -7.61 -2.63
C ASP A 70 -30.31 -6.13 -2.32
N GLN A 71 -30.76 -5.71 -1.14
CA GLN A 71 -30.57 -4.34 -0.70
C GLN A 71 -29.10 -4.26 -0.28
N VAL A 72 -28.70 -5.15 0.64
CA VAL A 72 -27.34 -5.23 1.16
C VAL A 72 -26.29 -5.39 0.07
N ILE A 73 -26.65 -6.16 -0.95
CA ILE A 73 -25.75 -6.39 -2.07
C ILE A 73 -25.50 -5.07 -2.76
N LEU A 74 -26.57 -4.43 -3.21
CA LEU A 74 -26.48 -3.16 -3.90
C LEU A 74 -25.78 -2.08 -3.09
N LEU A 75 -25.87 -2.17 -1.76
CA LEU A 75 -25.21 -1.20 -0.89
C LEU A 75 -23.75 -1.61 -0.71
N ARG A 76 -23.54 -2.82 -0.18
CA ARG A 76 -22.22 -3.41 0.03
C ARG A 76 -21.28 -3.03 -1.12
N ALA A 77 -21.76 -3.21 -2.34
CA ALA A 77 -21.00 -2.90 -3.54
C ALA A 77 -21.56 -1.65 -4.22
N GLY A 78 -21.43 -0.51 -3.55
CA GLY A 78 -21.93 0.74 -4.11
C GLY A 78 -21.66 1.92 -3.19
N TRP A 79 -21.68 1.67 -1.89
CA TRP A 79 -21.45 2.68 -0.87
C TRP A 79 -20.31 3.61 -1.23
N ASN A 80 -19.29 3.03 -1.84
CA ASN A 80 -18.12 3.75 -2.24
C ASN A 80 -18.49 4.88 -3.18
N GLU A 81 -18.77 4.53 -4.43
CA GLU A 81 -19.15 5.52 -5.44
C GLU A 81 -20.31 6.39 -5.00
N LEU A 82 -21.08 5.91 -4.03
CA LEU A 82 -22.18 6.68 -3.49
C LEU A 82 -21.58 7.87 -2.76
N LEU A 83 -21.05 7.61 -1.56
CA LEU A 83 -20.42 8.65 -0.75
C LEU A 83 -19.49 9.59 -1.51
N ILE A 84 -18.79 9.06 -2.51
CA ILE A 84 -17.87 9.84 -3.33
C ILE A 84 -18.58 10.97 -4.06
N ALA A 85 -19.48 10.60 -4.95
CA ALA A 85 -20.24 11.58 -5.74
C ALA A 85 -21.01 12.56 -4.88
N SER A 86 -21.39 12.13 -3.68
CA SER A 86 -22.11 12.96 -2.73
C SER A 86 -21.23 14.19 -2.44
N PHE A 87 -20.08 13.95 -1.82
CA PHE A 87 -19.15 15.02 -1.47
C PHE A 87 -18.52 15.74 -2.69
N SER A 88 -18.51 15.08 -3.84
CA SER A 88 -17.97 15.74 -5.01
C SER A 88 -18.91 16.91 -5.31
N HIS A 89 -20.20 16.62 -5.50
CA HIS A 89 -21.25 17.62 -5.77
C HIS A 89 -21.24 18.69 -4.68
N ARG A 90 -21.31 18.23 -3.44
CA ARG A 90 -21.28 19.10 -2.28
C ARG A 90 -20.15 20.15 -2.38
N SER A 91 -18.94 19.69 -2.70
CA SER A 91 -17.77 20.56 -2.79
C SER A 91 -17.65 21.50 -3.98
N ILE A 92 -18.72 21.66 -4.76
CA ILE A 92 -18.70 22.56 -5.92
C ILE A 92 -18.70 24.01 -5.46
N ALA A 93 -19.21 24.22 -4.24
CA ALA A 93 -19.33 25.53 -3.61
C ALA A 93 -18.06 26.13 -3.02
N VAL A 94 -16.90 25.67 -3.51
CA VAL A 94 -15.59 26.12 -3.08
C VAL A 94 -14.62 25.71 -4.20
N LYS A 95 -13.46 26.33 -4.29
CA LYS A 95 -12.50 25.92 -5.32
C LYS A 95 -11.28 25.26 -4.67
N ASP A 96 -10.72 24.28 -5.38
CA ASP A 96 -9.53 23.53 -4.93
C ASP A 96 -9.63 23.04 -3.50
N GLY A 97 -10.83 22.66 -3.09
CA GLY A 97 -11.01 22.17 -1.76
C GLY A 97 -12.15 21.18 -1.73
N ILE A 98 -12.21 20.41 -0.65
CA ILE A 98 -13.23 19.41 -0.46
C ILE A 98 -13.90 19.63 0.88
N LEU A 99 -15.21 19.72 0.84
CA LEU A 99 -16.02 19.94 2.01
C LEU A 99 -16.48 18.60 2.57
N LEU A 100 -16.14 18.35 3.84
CA LEU A 100 -16.50 17.12 4.52
C LEU A 100 -17.84 17.12 5.24
N ALA A 101 -18.35 15.90 5.46
CA ALA A 101 -19.61 15.72 6.15
C ALA A 101 -19.43 16.01 7.64
N THR A 102 -18.19 15.95 8.11
CA THR A 102 -17.87 16.24 9.51
C THR A 102 -17.77 17.78 9.70
N GLY A 103 -18.00 18.52 8.63
CA GLY A 103 -17.93 19.97 8.68
C GLY A 103 -16.49 20.41 8.74
N LEU A 104 -15.73 20.00 7.75
CA LEU A 104 -14.31 20.30 7.71
C LEU A 104 -13.85 20.44 6.26
N HIS A 105 -13.38 21.62 5.90
CA HIS A 105 -12.90 21.80 4.54
C HIS A 105 -11.50 21.23 4.45
N VAL A 106 -11.18 20.64 3.30
CA VAL A 106 -9.86 20.07 3.10
C VAL A 106 -9.19 20.63 1.87
N HIS A 107 -8.21 21.51 2.07
CA HIS A 107 -7.53 22.12 0.94
C HIS A 107 -6.72 21.12 0.14
N ARG A 108 -6.44 21.47 -1.11
CA ARG A 108 -5.63 20.67 -2.01
C ARG A 108 -4.19 20.52 -1.49
N ASN A 109 -3.74 21.51 -0.73
CA ASN A 109 -2.41 21.52 -0.15
C ASN A 109 -2.28 20.51 0.97
N SER A 110 -3.26 20.46 1.87
CA SER A 110 -3.25 19.50 2.97
C SER A 110 -3.32 18.07 2.42
N ALA A 111 -3.71 17.96 1.15
CA ALA A 111 -3.81 16.68 0.46
C ALA A 111 -2.41 16.18 0.12
N HIS A 112 -1.78 16.84 -0.86
CA HIS A 112 -0.44 16.47 -1.26
C HIS A 112 0.43 16.33 -0.01
N SER A 113 0.35 17.30 0.89
CA SER A 113 1.13 17.26 2.12
C SER A 113 0.91 15.98 2.93
N ALA A 114 -0.24 15.34 2.75
CA ALA A 114 -0.56 14.08 3.44
C ALA A 114 -0.46 12.89 2.50
N GLY A 115 0.33 13.04 1.43
CA GLY A 115 0.56 11.98 0.48
C GLY A 115 -0.49 11.64 -0.57
N VAL A 116 -1.77 11.88 -0.26
CA VAL A 116 -2.86 11.56 -1.19
C VAL A 116 -3.28 12.67 -2.18
N GLY A 117 -2.29 13.39 -2.69
CA GLY A 117 -2.61 14.45 -3.62
C GLY A 117 -3.21 13.97 -4.92
N ALA A 118 -2.47 13.14 -5.65
CA ALA A 118 -2.90 12.60 -6.94
C ALA A 118 -4.37 12.29 -7.14
N ILE A 119 -4.97 11.53 -6.20
CA ILE A 119 -6.39 11.13 -6.24
C ILE A 119 -7.36 12.29 -5.99
N PHE A 120 -6.91 13.21 -5.13
CA PHE A 120 -7.63 14.42 -4.76
C PHE A 120 -7.79 15.19 -6.06
N ASP A 121 -6.68 15.45 -6.74
CA ASP A 121 -6.69 16.18 -7.99
C ASP A 121 -7.56 15.50 -9.06
N ARG A 122 -7.67 14.19 -9.01
CA ARG A 122 -8.50 13.46 -9.98
C ARG A 122 -9.98 13.67 -9.68
N VAL A 123 -10.30 13.75 -8.40
CA VAL A 123 -11.68 14.00 -7.98
C VAL A 123 -12.00 15.41 -8.49
N LEU A 124 -11.20 16.37 -8.09
CA LEU A 124 -11.41 17.74 -8.51
C LEU A 124 -11.63 17.86 -10.01
N THR A 125 -10.65 17.42 -10.80
CA THR A 125 -10.77 17.54 -12.24
C THR A 125 -11.74 16.62 -12.94
N GLU A 126 -12.19 15.56 -12.28
CA GLU A 126 -13.09 14.61 -12.92
C GLU A 126 -14.56 14.65 -12.48
N LEU A 127 -14.79 14.92 -11.21
CA LEU A 127 -16.14 14.98 -10.70
C LEU A 127 -16.54 16.44 -10.46
N VAL A 128 -16.08 17.01 -9.34
CA VAL A 128 -16.35 18.40 -8.96
C VAL A 128 -16.24 19.38 -10.12
N SER A 129 -15.04 19.59 -10.63
CA SER A 129 -14.86 20.51 -11.74
C SER A 129 -15.97 20.24 -12.76
N LYS A 130 -16.02 19.01 -13.28
CA LYS A 130 -17.02 18.62 -14.26
C LYS A 130 -18.48 18.96 -13.95
N MET A 131 -18.89 18.73 -12.71
CA MET A 131 -20.25 19.03 -12.28
C MET A 131 -20.52 20.53 -12.37
N ARG A 132 -19.63 21.32 -11.77
CA ARG A 132 -19.69 22.79 -11.76
C ARG A 132 -19.83 23.36 -13.17
N ASP A 133 -19.01 22.87 -14.08
CA ASP A 133 -19.01 23.30 -15.48
C ASP A 133 -20.20 22.66 -16.22
N MET A 134 -21.32 22.49 -15.51
CA MET A 134 -22.50 21.87 -16.07
C MET A 134 -23.72 22.09 -15.21
N GLN A 135 -23.56 22.78 -14.08
CA GLN A 135 -24.69 23.05 -13.19
C GLN A 135 -25.62 21.84 -13.07
N MET A 136 -25.21 20.88 -12.28
CA MET A 136 -25.99 19.69 -12.06
C MET A 136 -26.68 19.91 -10.73
N ASP A 137 -28.00 19.91 -10.73
CA ASP A 137 -28.73 20.13 -9.48
C ASP A 137 -28.82 18.89 -8.60
N LYS A 138 -29.21 19.08 -7.34
CA LYS A 138 -29.33 17.99 -6.37
C LYS A 138 -30.29 16.88 -6.83
N THR A 139 -31.19 17.21 -7.75
CA THR A 139 -32.13 16.22 -8.29
C THR A 139 -31.39 15.34 -9.29
N GLU A 140 -30.55 15.96 -10.11
CA GLU A 140 -29.74 15.24 -11.08
C GLU A 140 -28.75 14.38 -10.31
N LEU A 141 -28.19 14.92 -9.23
CA LEU A 141 -27.26 14.17 -8.41
C LEU A 141 -28.03 12.93 -7.98
N GLY A 142 -29.17 13.15 -7.33
CA GLY A 142 -30.01 12.05 -6.86
C GLY A 142 -30.25 10.93 -7.86
N CYS A 143 -30.54 11.28 -9.10
CA CYS A 143 -30.78 10.28 -10.14
C CYS A 143 -29.53 9.46 -10.35
N LEU A 144 -28.38 10.11 -10.31
CA LEU A 144 -27.12 9.39 -10.48
C LEU A 144 -26.80 8.56 -9.25
N ARG A 145 -26.89 9.13 -8.05
CA ARG A 145 -26.62 8.37 -6.82
C ARG A 145 -27.55 7.15 -6.75
N ALA A 146 -28.67 7.24 -7.45
CA ALA A 146 -29.64 6.17 -7.50
C ALA A 146 -29.22 5.10 -8.51
N ILE A 147 -28.91 5.51 -9.75
CA ILE A 147 -28.47 4.60 -10.80
C ILE A 147 -27.31 3.71 -10.32
N VAL A 148 -26.43 4.26 -9.49
CA VAL A 148 -25.31 3.51 -8.94
C VAL A 148 -25.91 2.45 -8.02
N LEU A 149 -26.89 2.87 -7.23
CA LEU A 149 -27.58 1.97 -6.31
C LEU A 149 -28.18 0.79 -7.08
N PHE A 150 -28.68 1.08 -8.28
CA PHE A 150 -29.27 0.04 -9.11
C PHE A 150 -28.31 -0.48 -10.16
N ASN A 151 -27.32 -1.24 -9.68
CA ASN A 151 -26.33 -1.87 -10.56
C ASN A 151 -26.77 -3.33 -10.61
N PRO A 152 -27.54 -3.68 -11.66
CA PRO A 152 -28.05 -5.04 -11.87
C PRO A 152 -26.96 -6.11 -11.95
N ASP A 153 -25.79 -5.70 -12.45
CA ASP A 153 -24.65 -6.58 -12.62
C ASP A 153 -23.93 -7.02 -11.35
N SER A 154 -24.48 -6.70 -10.18
CA SER A 154 -23.85 -7.12 -8.93
C SER A 154 -23.72 -8.64 -8.87
N LYS A 155 -22.68 -9.12 -8.20
CA LYS A 155 -22.41 -10.57 -8.06
C LYS A 155 -23.16 -11.18 -6.88
N GLY A 156 -24.10 -12.07 -7.19
CA GLY A 156 -24.90 -12.73 -6.15
C GLY A 156 -26.32 -12.23 -6.11
N LEU A 157 -26.68 -11.38 -7.08
CA LEU A 157 -27.99 -10.78 -7.18
C LEU A 157 -29.08 -11.82 -7.44
N SER A 158 -29.97 -12.01 -6.46
CA SER A 158 -31.08 -12.98 -6.58
C SER A 158 -31.96 -12.70 -7.80
N ASN A 159 -32.05 -11.44 -8.21
CA ASN A 159 -32.81 -11.09 -9.40
C ASN A 159 -32.19 -9.88 -10.10
N PRO A 160 -31.34 -10.14 -11.11
CA PRO A 160 -30.61 -9.20 -11.97
C PRO A 160 -31.47 -8.58 -13.07
N ALA A 161 -32.70 -9.06 -13.21
CA ALA A 161 -33.63 -8.53 -14.21
C ALA A 161 -34.56 -7.53 -13.52
N GLU A 162 -34.78 -7.77 -12.23
CA GLU A 162 -35.64 -6.96 -11.37
C GLU A 162 -34.95 -5.64 -11.04
N VAL A 163 -33.66 -5.71 -10.68
CA VAL A 163 -32.87 -4.54 -10.37
C VAL A 163 -32.60 -3.73 -11.63
N GLU A 164 -32.46 -4.41 -12.76
CA GLU A 164 -32.26 -3.72 -14.02
C GLU A 164 -33.56 -3.04 -14.45
N ALA A 165 -34.65 -3.43 -13.80
CA ALA A 165 -35.96 -2.86 -14.08
C ALA A 165 -35.98 -1.44 -13.54
N LEU A 166 -35.65 -1.32 -12.26
CA LEU A 166 -35.60 -0.04 -11.58
C LEU A 166 -34.69 0.98 -12.28
N ARG A 167 -33.47 0.55 -12.65
CA ARG A 167 -32.50 1.42 -13.32
C ARG A 167 -32.97 1.99 -14.67
N GLU A 168 -33.86 1.27 -15.36
CA GLU A 168 -34.40 1.72 -16.64
C GLU A 168 -35.52 2.74 -16.36
N LYS A 169 -36.15 2.62 -15.18
CA LYS A 169 -37.21 3.54 -14.77
C LYS A 169 -36.59 4.92 -14.49
N VAL A 170 -35.45 4.92 -13.79
CA VAL A 170 -34.71 6.14 -13.47
C VAL A 170 -34.09 6.71 -14.73
N TYR A 171 -33.72 5.84 -15.64
CA TYR A 171 -33.16 6.24 -16.92
C TYR A 171 -34.22 7.14 -17.59
N ALA A 172 -35.49 6.78 -17.40
CA ALA A 172 -36.63 7.50 -17.96
C ALA A 172 -36.84 8.83 -17.24
N SER A 173 -37.10 8.75 -15.94
CA SER A 173 -37.31 9.95 -15.12
C SER A 173 -36.25 11.02 -15.32
N LEU A 174 -34.99 10.61 -15.34
CA LEU A 174 -33.85 11.50 -15.51
C LEU A 174 -33.80 12.19 -16.87
N GLU A 175 -33.93 11.43 -17.95
CA GLU A 175 -33.91 11.99 -19.28
C GLU A 175 -35.13 12.89 -19.46
N ALA A 176 -36.12 12.67 -18.61
CA ALA A 176 -37.36 13.44 -18.59
C ALA A 176 -37.11 14.80 -17.95
N TYR A 177 -36.65 14.78 -16.70
CA TYR A 177 -36.33 16.00 -15.96
C TYR A 177 -35.32 16.86 -16.71
N CYS A 178 -34.41 16.24 -17.47
CA CYS A 178 -33.40 16.97 -18.21
C CYS A 178 -33.93 17.67 -19.46
N LYS A 179 -34.50 16.91 -20.38
CA LYS A 179 -35.06 17.49 -21.61
C LYS A 179 -36.23 18.42 -21.27
N HIS A 180 -36.74 18.27 -20.06
CA HIS A 180 -37.84 19.06 -19.53
C HIS A 180 -37.30 20.40 -19.01
N LYS A 181 -36.67 20.37 -17.85
CA LYS A 181 -36.09 21.54 -17.19
C LYS A 181 -35.02 22.27 -18.00
N TYR A 182 -34.17 21.52 -18.70
CA TYR A 182 -33.11 22.13 -19.51
C TYR A 182 -33.27 21.87 -21.01
N PRO A 183 -34.32 22.45 -21.62
CA PRO A 183 -34.68 22.33 -23.04
C PRO A 183 -33.65 22.88 -24.02
N GLU A 184 -32.99 23.97 -23.67
CA GLU A 184 -31.98 24.56 -24.54
C GLU A 184 -30.90 23.52 -24.89
N GLN A 185 -30.45 22.75 -23.89
CA GLN A 185 -29.46 21.72 -24.12
C GLN A 185 -30.22 20.39 -24.08
N PRO A 186 -30.32 19.76 -25.26
CA PRO A 186 -31.00 18.49 -25.45
C PRO A 186 -30.20 17.39 -24.79
N GLY A 187 -29.02 17.15 -25.38
CA GLY A 187 -28.09 16.13 -24.93
C GLY A 187 -27.50 16.31 -23.56
N ARG A 188 -28.28 16.92 -22.68
CA ARG A 188 -27.89 17.17 -21.31
C ARG A 188 -28.03 15.89 -20.51
N PHE A 189 -29.05 15.11 -20.81
CA PHE A 189 -29.24 13.84 -20.11
C PHE A 189 -28.01 12.95 -20.19
N ALA A 190 -27.38 12.90 -21.36
CA ALA A 190 -26.19 12.09 -21.57
C ALA A 190 -24.94 12.72 -20.97
N LYS A 191 -24.81 14.05 -21.08
CA LYS A 191 -23.66 14.79 -20.53
C LYS A 191 -23.44 14.31 -19.10
N LEU A 192 -24.54 14.16 -18.38
CA LEU A 192 -24.58 13.71 -16.99
C LEU A 192 -24.08 12.29 -16.78
N LEU A 193 -24.32 11.44 -17.77
CA LEU A 193 -23.90 10.06 -17.68
C LEU A 193 -22.43 9.89 -17.99
N LEU A 194 -21.86 10.80 -18.78
CA LEU A 194 -20.46 10.73 -19.15
C LEU A 194 -19.55 10.59 -17.92
N ARG A 195 -19.96 11.17 -16.78
CA ARG A 195 -19.17 11.10 -15.56
C ARG A 195 -19.20 9.77 -14.83
N LEU A 196 -19.92 8.80 -15.37
CA LEU A 196 -20.01 7.49 -14.72
C LEU A 196 -18.76 6.63 -14.79
N PRO A 197 -18.17 6.46 -16.00
CA PRO A 197 -16.95 5.65 -16.03
C PRO A 197 -15.97 6.23 -15.01
N ALA A 198 -15.73 7.54 -15.12
CA ALA A 198 -14.83 8.26 -14.23
C ALA A 198 -15.10 7.95 -12.76
N LEU A 199 -16.36 8.03 -12.34
CA LEU A 199 -16.71 7.76 -10.95
C LEU A 199 -16.31 6.35 -10.50
N ARG A 200 -16.30 5.44 -11.48
CA ARG A 200 -15.95 4.04 -11.27
C ARG A 200 -14.49 3.96 -10.94
N SER A 201 -13.66 4.37 -11.89
CA SER A 201 -12.22 4.37 -11.74
C SER A 201 -11.89 5.07 -10.44
N ILE A 202 -12.42 6.27 -10.26
CA ILE A 202 -12.19 7.03 -9.04
C ILE A 202 -12.60 6.18 -7.83
N GLY A 203 -13.73 5.49 -7.92
CA GLY A 203 -14.18 4.65 -6.84
C GLY A 203 -13.15 3.56 -6.54
N LEU A 204 -12.67 2.90 -7.60
CA LEU A 204 -11.67 1.85 -7.45
C LEU A 204 -10.38 2.34 -6.79
N LYS A 205 -9.80 3.42 -7.34
CA LYS A 205 -8.57 3.97 -6.78
C LYS A 205 -8.76 4.32 -5.32
N CYS A 206 -9.93 4.88 -5.00
CA CYS A 206 -10.22 5.26 -3.62
C CYS A 206 -10.20 4.08 -2.68
N LEU A 207 -10.61 2.92 -3.19
CA LEU A 207 -10.63 1.71 -2.38
C LEU A 207 -9.22 1.38 -1.93
N GLU A 208 -8.36 1.17 -2.91
CA GLU A 208 -6.96 0.84 -2.64
C GLU A 208 -6.47 1.67 -1.45
N HIS A 209 -6.61 2.99 -1.53
CA HIS A 209 -6.21 3.89 -0.45
C HIS A 209 -6.75 3.40 0.87
N LEU A 210 -8.06 3.15 0.91
CA LEU A 210 -8.72 2.67 2.11
C LEU A 210 -8.13 1.34 2.59
N PHE A 211 -7.84 0.44 1.66
CA PHE A 211 -7.24 -0.83 2.05
C PHE A 211 -5.89 -0.55 2.70
N PHE A 212 -5.08 0.27 2.04
CA PHE A 212 -3.74 0.64 2.50
C PHE A 212 -3.66 1.15 3.94
N PHE A 213 -4.56 2.03 4.37
CA PHE A 213 -4.47 2.51 5.75
C PHE A 213 -4.91 1.48 6.76
N LYS A 214 -5.66 0.49 6.27
CA LYS A 214 -6.13 -0.59 7.11
C LYS A 214 -4.87 -1.42 7.31
N LEU A 215 -4.48 -2.11 6.25
CA LEU A 215 -3.31 -2.98 6.22
C LEU A 215 -2.10 -2.37 6.91
N ILE A 216 -1.70 -1.20 6.44
CA ILE A 216 -0.54 -0.51 7.00
C ILE A 216 -0.95 0.55 8.01
N GLY A 217 -1.17 1.75 7.49
CA GLY A 217 -1.54 2.89 8.31
C GLY A 217 -2.03 2.67 9.73
N ASP A 218 -1.47 3.46 10.63
CA ASP A 218 -1.83 3.43 12.03
C ASP A 218 -3.27 3.97 12.05
N THR A 219 -3.59 4.70 10.98
CA THR A 219 -4.89 5.32 10.69
C THR A 219 -6.07 4.56 11.30
N PRO A 220 -6.72 5.14 12.31
CA PRO A 220 -7.87 4.54 13.00
C PRO A 220 -9.18 4.47 12.19
N ILE A 221 -9.50 3.28 11.69
CA ILE A 221 -10.73 3.06 10.92
C ILE A 221 -11.82 2.61 11.90
N ASP A 222 -13.07 2.98 11.60
CA ASP A 222 -14.17 2.62 12.49
C ASP A 222 -15.20 1.66 11.94
N THR A 223 -16.03 1.18 12.84
CA THR A 223 -17.10 0.21 12.58
C THR A 223 -17.75 0.13 11.20
N PHE A 224 -18.85 0.85 11.01
CA PHE A 224 -19.57 0.83 9.73
C PHE A 224 -18.66 0.80 8.51
N LEU A 225 -17.66 1.67 8.49
CA LEU A 225 -16.70 1.74 7.39
C LEU A 225 -15.91 0.44 7.25
N MET A 226 -15.33 -0.02 8.35
CA MET A 226 -14.55 -1.26 8.39
C MET A 226 -15.24 -2.42 7.70
N GLU A 227 -16.51 -2.65 8.06
CA GLU A 227 -17.29 -3.74 7.50
C GLU A 227 -17.49 -3.66 5.99
N MET A 228 -17.60 -2.45 5.45
CA MET A 228 -17.81 -2.29 4.02
C MET A 228 -16.62 -2.74 3.17
N LEU A 229 -15.42 -2.73 3.74
CA LEU A 229 -14.23 -3.15 2.99
C LEU A 229 -13.68 -4.53 3.37
N GLU A 230 -13.84 -5.48 2.46
CA GLU A 230 -13.37 -6.86 2.64
C GLU A 230 -13.13 -7.56 1.29
N ALA A 231 -12.00 -7.26 0.67
CA ALA A 231 -11.60 -7.84 -0.61
C ALA A 231 -10.06 -7.82 -0.62
N PRO A 232 -9.43 -9.01 -0.73
CA PRO A 232 -7.98 -9.18 -0.75
C PRO A 232 -7.18 -8.13 -1.53
N PRO B 1 -34.26 8.13 -35.55
CA PRO B 1 -33.59 8.29 -36.86
C PRO B 1 -33.09 9.73 -37.08
N VAL B 2 -31.95 10.06 -36.47
CA VAL B 2 -31.35 11.40 -36.58
C VAL B 2 -30.19 11.49 -37.60
N GLN B 3 -29.64 12.69 -37.75
CA GLN B 3 -28.54 12.93 -38.68
C GLN B 3 -27.17 12.60 -38.11
N LEU B 4 -26.18 12.63 -39.00
CA LEU B 4 -24.78 12.38 -38.66
C LEU B 4 -24.00 13.35 -39.56
N SER B 5 -23.76 14.55 -39.03
CA SER B 5 -23.05 15.62 -39.72
C SER B 5 -21.95 15.17 -40.66
N LYS B 6 -21.42 16.11 -41.44
CA LYS B 6 -20.36 15.82 -42.40
C LYS B 6 -19.07 15.37 -41.70
N GLU B 7 -18.90 15.75 -40.43
CA GLU B 7 -17.72 15.35 -39.66
C GLU B 7 -17.93 13.95 -39.08
N GLN B 8 -19.05 13.75 -38.40
CA GLN B 8 -19.40 12.47 -37.80
C GLN B 8 -19.34 11.35 -38.85
N GLU B 9 -19.55 11.72 -40.11
CA GLU B 9 -19.52 10.78 -41.23
C GLU B 9 -18.10 10.26 -41.46
N GLU B 10 -17.15 11.19 -41.54
CA GLU B 10 -15.77 10.84 -41.78
C GLU B 10 -15.12 10.15 -40.57
N LEU B 11 -15.55 10.53 -39.37
CA LEU B 11 -15.01 9.95 -38.14
C LEU B 11 -15.16 8.43 -38.20
N ILE B 12 -16.37 7.98 -38.51
CA ILE B 12 -16.66 6.56 -38.60
C ILE B 12 -15.88 5.90 -39.74
N ARG B 13 -15.65 6.66 -40.82
CA ARG B 13 -14.93 6.15 -41.97
C ARG B 13 -13.44 5.88 -41.70
N THR B 14 -12.87 6.55 -40.71
CA THR B 14 -11.46 6.36 -40.38
C THR B 14 -11.26 5.35 -39.23
N LEU B 15 -12.27 5.19 -38.39
CA LEU B 15 -12.24 4.24 -37.28
C LEU B 15 -12.14 2.82 -37.85
N LEU B 16 -12.95 2.57 -38.87
CA LEU B 16 -12.99 1.27 -39.56
C LEU B 16 -11.79 1.14 -40.48
N GLY B 17 -11.34 2.25 -41.04
CA GLY B 17 -10.19 2.22 -41.91
C GLY B 17 -9.06 1.50 -41.20
N ALA B 18 -8.77 1.93 -39.97
CA ALA B 18 -7.71 1.33 -39.15
C ALA B 18 -8.15 0.08 -38.39
N HIS B 19 -9.45 -0.07 -38.15
CA HIS B 19 -9.98 -1.23 -37.43
C HIS B 19 -10.02 -2.48 -38.29
N THR B 20 -10.54 -2.36 -39.50
CA THR B 20 -10.61 -3.50 -40.40
C THR B 20 -9.23 -3.92 -40.88
N ARG B 21 -8.28 -2.98 -40.85
CA ARG B 21 -6.90 -3.24 -41.26
C ARG B 21 -6.06 -3.89 -40.16
N HIS B 22 -6.52 -3.80 -38.91
CA HIS B 22 -5.75 -4.37 -37.81
C HIS B 22 -6.49 -5.31 -36.86
N MET B 23 -7.69 -4.94 -36.44
CA MET B 23 -8.46 -5.77 -35.54
C MET B 23 -9.66 -6.34 -36.29
N GLY B 24 -10.58 -6.95 -35.56
CA GLY B 24 -11.77 -7.51 -36.18
C GLY B 24 -11.49 -8.85 -36.86
N THR B 25 -10.62 -8.85 -37.86
CA THR B 25 -10.25 -10.06 -38.58
C THR B 25 -9.03 -10.76 -37.97
N MET B 26 -8.46 -10.17 -36.93
CA MET B 26 -7.30 -10.73 -36.24
C MET B 26 -7.63 -12.03 -35.49
N PHE B 27 -8.91 -12.31 -35.30
CA PHE B 27 -9.34 -13.51 -34.59
C PHE B 27 -9.11 -14.79 -35.37
N GLU B 28 -9.01 -14.65 -36.68
CA GLU B 28 -8.77 -15.80 -37.55
C GLU B 28 -7.27 -16.09 -37.65
N GLN B 29 -6.47 -15.32 -36.91
CA GLN B 29 -5.02 -15.46 -36.89
C GLN B 29 -4.53 -16.14 -35.62
N PHE B 30 -5.43 -16.32 -34.66
CA PHE B 30 -5.12 -16.97 -33.39
C PHE B 30 -4.56 -18.39 -33.57
N VAL B 31 -4.98 -19.06 -34.64
CA VAL B 31 -4.53 -20.43 -34.90
C VAL B 31 -3.05 -20.61 -35.17
N GLN B 32 -2.37 -19.53 -35.51
CA GLN B 32 -0.95 -19.63 -35.80
C GLN B 32 -0.09 -19.39 -34.57
N PHE B 33 -0.69 -19.49 -33.39
CA PHE B 33 0.10 -19.26 -32.17
C PHE B 33 0.26 -20.57 -31.44
N ARG B 34 0.48 -21.61 -32.25
CA ARG B 34 0.66 -22.96 -31.73
C ARG B 34 -0.50 -23.29 -30.78
N PRO B 35 -1.74 -23.22 -31.28
CA PRO B 35 -2.92 -23.50 -30.45
C PRO B 35 -3.08 -24.97 -30.10
N PRO B 36 -3.22 -25.28 -28.79
CA PRO B 36 -3.38 -26.66 -28.33
C PRO B 36 -4.48 -27.36 -29.11
N ALA B 37 -4.38 -28.67 -29.21
CA ALA B 37 -5.34 -29.45 -29.97
C ALA B 37 -6.80 -29.29 -29.56
N HIS B 38 -7.07 -29.54 -28.28
CA HIS B 38 -8.43 -29.45 -27.74
C HIS B 38 -9.21 -28.20 -28.14
N LEU B 39 -8.52 -27.13 -28.57
CA LEU B 39 -9.20 -25.91 -28.98
C LEU B 39 -9.94 -26.15 -30.29
N PHE B 40 -9.29 -26.89 -31.19
CA PHE B 40 -9.87 -27.22 -32.49
C PHE B 40 -11.00 -28.20 -32.29
N ILE B 41 -10.73 -29.23 -31.50
CA ILE B 41 -11.71 -30.25 -31.20
C ILE B 41 -12.41 -29.80 -29.91
N HIS B 42 -13.36 -28.89 -30.09
CA HIS B 42 -14.09 -28.33 -28.97
C HIS B 42 -15.01 -29.31 -28.27
N HIS B 43 -15.14 -30.52 -28.81
CA HIS B 43 -16.02 -31.49 -28.20
C HIS B 43 -15.61 -32.05 -26.84
N GLN B 44 -14.55 -31.49 -26.26
CA GLN B 44 -14.06 -31.89 -24.93
C GLN B 44 -12.95 -30.95 -24.42
N PRO B 45 -12.87 -30.76 -23.09
CA PRO B 45 -11.85 -29.91 -22.45
C PRO B 45 -10.47 -30.56 -22.38
N LEU B 46 -9.51 -29.80 -21.87
CA LEU B 46 -8.14 -30.27 -21.72
C LEU B 46 -8.17 -31.47 -20.75
N PRO B 47 -7.61 -32.62 -21.17
CA PRO B 47 -7.59 -33.83 -20.34
C PRO B 47 -7.30 -33.47 -18.89
N THR B 48 -8.01 -34.15 -18.01
CA THR B 48 -7.89 -33.89 -16.58
C THR B 48 -6.44 -33.68 -16.09
N LEU B 49 -5.48 -34.47 -16.57
CA LEU B 49 -4.08 -34.38 -16.14
C LEU B 49 -3.05 -33.93 -17.19
N ALA B 50 -3.49 -33.48 -18.35
CA ALA B 50 -2.56 -33.05 -19.38
C ALA B 50 -1.73 -31.87 -18.88
N PRO B 51 -0.62 -31.58 -19.56
CA PRO B 51 0.22 -30.45 -19.12
C PRO B 51 -0.51 -29.16 -19.54
N VAL B 52 -0.50 -28.16 -18.68
CA VAL B 52 -1.18 -26.90 -19.00
C VAL B 52 -0.35 -25.95 -19.85
N LEU B 53 0.94 -25.85 -19.52
CA LEU B 53 1.86 -24.96 -20.24
C LEU B 53 1.69 -24.80 -21.76
N PRO B 54 1.37 -25.89 -22.49
CA PRO B 54 1.20 -25.72 -23.93
C PRO B 54 0.16 -24.64 -24.25
N LEU B 55 -0.93 -24.65 -23.48
CA LEU B 55 -2.05 -23.72 -23.61
C LEU B 55 -1.67 -22.30 -23.18
N VAL B 56 -1.13 -22.18 -21.97
CA VAL B 56 -0.72 -20.90 -21.42
C VAL B 56 0.22 -20.13 -22.34
N THR B 57 1.14 -20.85 -22.96
CA THR B 57 2.09 -20.23 -23.86
C THR B 57 1.36 -19.68 -25.07
N HIS B 58 0.18 -20.22 -25.32
CA HIS B 58 -0.65 -19.76 -26.42
C HIS B 58 -1.40 -18.52 -25.91
N PHE B 59 -1.93 -18.60 -24.69
CA PHE B 59 -2.66 -17.48 -24.12
C PHE B 59 -1.84 -16.22 -24.19
N ALA B 60 -0.74 -16.20 -23.43
CA ALA B 60 0.15 -15.05 -23.41
C ALA B 60 0.63 -14.65 -24.81
N ASP B 61 0.54 -15.59 -25.76
CA ASP B 61 0.95 -15.35 -27.14
C ASP B 61 -0.08 -14.51 -27.87
N ILE B 62 -1.35 -14.90 -27.80
CA ILE B 62 -2.41 -14.15 -28.48
C ILE B 62 -2.79 -12.85 -27.74
N ASN B 63 -2.44 -12.77 -26.45
CA ASN B 63 -2.72 -11.60 -25.63
C ASN B 63 -1.72 -10.57 -26.06
N THR B 64 -0.45 -10.90 -25.95
CA THR B 64 0.60 -10.01 -26.37
C THR B 64 0.33 -9.61 -27.83
N PHE B 65 -0.16 -10.55 -28.64
CA PHE B 65 -0.47 -10.26 -30.04
C PHE B 65 -1.67 -9.34 -30.21
N MET B 66 -2.71 -9.55 -29.40
CA MET B 66 -3.89 -8.71 -29.49
C MET B 66 -3.52 -7.28 -29.16
N VAL B 67 -2.89 -7.10 -28.01
CA VAL B 67 -2.49 -5.77 -27.60
C VAL B 67 -1.63 -5.09 -28.65
N LEU B 68 -0.98 -5.89 -29.49
CA LEU B 68 -0.14 -5.38 -30.56
C LEU B 68 -1.00 -4.79 -31.66
N GLN B 69 -2.09 -5.46 -31.98
CA GLN B 69 -2.98 -4.96 -33.01
C GLN B 69 -3.71 -3.71 -32.52
N VAL B 70 -4.09 -3.69 -31.23
CA VAL B 70 -4.76 -2.52 -30.66
C VAL B 70 -3.85 -1.33 -30.92
N ILE B 71 -2.54 -1.51 -30.70
CA ILE B 71 -1.57 -0.45 -30.95
C ILE B 71 -1.45 -0.12 -32.43
N LYS B 72 -1.36 -1.14 -33.30
CA LYS B 72 -1.28 -0.91 -34.74
C LYS B 72 -2.47 -0.05 -35.14
N PHE B 73 -3.59 -0.31 -34.48
CA PHE B 73 -4.85 0.38 -34.69
C PHE B 73 -4.81 1.87 -34.34
N THR B 74 -4.26 2.19 -33.16
CA THR B 74 -4.17 3.57 -32.71
C THR B 74 -3.18 4.44 -33.52
N LYS B 75 -2.27 3.80 -34.26
CA LYS B 75 -1.30 4.54 -35.06
C LYS B 75 -1.90 4.98 -36.41
N ASP B 76 -2.98 4.31 -36.81
CA ASP B 76 -3.68 4.66 -38.04
C ASP B 76 -4.75 5.69 -37.63
N LEU B 77 -4.35 6.61 -36.76
CA LEU B 77 -5.23 7.66 -36.25
C LEU B 77 -4.49 9.00 -36.25
N PRO B 78 -5.02 9.98 -36.99
CA PRO B 78 -4.42 11.32 -37.07
C PRO B 78 -4.39 11.94 -35.69
N VAL B 79 -5.56 11.94 -35.05
CA VAL B 79 -5.75 12.50 -33.71
C VAL B 79 -4.91 11.80 -32.64
N PHE B 80 -4.79 10.48 -32.70
CA PHE B 80 -4.00 9.79 -31.69
C PHE B 80 -2.52 10.05 -31.92
N ARG B 81 -2.09 9.96 -33.16
CA ARG B 81 -0.71 10.22 -33.50
C ARG B 81 -0.39 11.68 -33.20
N SER B 82 -1.43 12.50 -33.14
CA SER B 82 -1.36 13.93 -32.86
C SER B 82 -1.18 14.25 -31.36
N LEU B 83 -1.27 13.24 -30.51
CA LEU B 83 -1.13 13.43 -29.06
C LEU B 83 0.31 13.15 -28.63
N PRO B 84 0.84 13.94 -27.68
CA PRO B 84 2.22 13.68 -27.24
C PRO B 84 2.37 12.26 -26.69
N ILE B 85 3.52 11.65 -26.98
CA ILE B 85 3.82 10.28 -26.55
C ILE B 85 3.45 9.92 -25.12
N GLU B 86 3.79 10.80 -24.18
CA GLU B 86 3.51 10.59 -22.77
C GLU B 86 2.02 10.30 -22.52
N ASP B 87 1.18 10.73 -23.46
CA ASP B 87 -0.26 10.55 -23.37
C ASP B 87 -0.72 9.34 -24.18
N GLN B 88 -0.10 9.12 -25.33
CA GLN B 88 -0.45 7.97 -26.15
C GLN B 88 -0.25 6.74 -25.25
N ILE B 89 0.86 6.75 -24.53
CA ILE B 89 1.19 5.70 -23.60
C ILE B 89 0.12 5.59 -22.51
N SER B 90 -0.13 6.68 -21.78
CA SER B 90 -1.14 6.69 -20.72
C SER B 90 -2.53 6.28 -21.20
N LEU B 91 -2.81 6.55 -22.47
CA LEU B 91 -4.09 6.19 -23.09
C LEU B 91 -4.11 4.73 -23.48
N LEU B 92 -2.95 4.18 -23.81
CA LEU B 92 -2.84 2.78 -24.15
C LEU B 92 -2.82 1.95 -22.85
N LYS B 93 -2.07 2.41 -21.86
CA LYS B 93 -2.01 1.70 -20.59
C LYS B 93 -3.38 1.66 -19.95
N GLY B 94 -4.18 2.71 -20.19
CA GLY B 94 -5.51 2.80 -19.61
C GLY B 94 -6.63 2.18 -20.42
N ALA B 95 -6.54 2.26 -21.74
CA ALA B 95 -7.57 1.71 -22.61
C ALA B 95 -7.26 0.29 -23.09
N ALA B 96 -6.10 0.10 -23.74
CA ALA B 96 -5.63 -1.18 -24.30
C ALA B 96 -6.38 -2.46 -23.93
N VAL B 97 -6.37 -2.82 -22.64
CA VAL B 97 -7.06 -4.03 -22.16
C VAL B 97 -8.56 -3.95 -22.41
N GLU B 98 -9.19 -2.88 -21.95
CA GLU B 98 -10.62 -2.66 -22.15
C GLU B 98 -10.96 -2.81 -23.64
N ILE B 99 -10.16 -2.19 -24.51
CA ILE B 99 -10.37 -2.24 -25.96
C ILE B 99 -10.39 -3.63 -26.57
N CYS B 100 -9.57 -4.52 -26.02
CA CYS B 100 -9.52 -5.89 -26.49
C CYS B 100 -10.86 -6.59 -26.24
N HIS B 101 -11.34 -6.54 -24.99
CA HIS B 101 -12.62 -7.16 -24.65
C HIS B 101 -13.71 -6.69 -25.59
N ILE B 102 -13.75 -5.39 -25.80
CA ILE B 102 -14.73 -4.80 -26.69
C ILE B 102 -14.75 -5.53 -28.02
N VAL B 103 -13.59 -5.62 -28.67
CA VAL B 103 -13.49 -6.30 -29.96
C VAL B 103 -13.83 -7.77 -29.80
N LEU B 104 -13.16 -8.41 -28.83
CA LEU B 104 -13.35 -9.81 -28.52
C LEU B 104 -14.81 -10.25 -28.55
N ASN B 105 -15.66 -9.51 -27.86
CA ASN B 105 -17.08 -9.83 -27.75
C ASN B 105 -17.83 -10.11 -29.06
N THR B 106 -17.27 -9.66 -30.19
CA THR B 106 -17.89 -9.90 -31.48
C THR B 106 -17.83 -11.36 -31.93
N THR B 107 -16.97 -12.15 -31.29
CA THR B 107 -16.81 -13.58 -31.59
C THR B 107 -17.61 -14.42 -30.62
N PHE B 108 -17.89 -13.83 -29.46
CA PHE B 108 -18.64 -14.49 -28.41
C PHE B 108 -19.93 -15.12 -28.94
N CYS B 109 -20.16 -16.39 -28.59
CA CYS B 109 -21.38 -17.07 -29.03
C CYS B 109 -22.38 -17.08 -27.87
N LEU B 110 -23.48 -16.35 -28.04
CA LEU B 110 -24.50 -16.27 -27.00
C LEU B 110 -24.96 -17.65 -26.52
N GLN B 111 -25.31 -18.52 -27.47
CA GLN B 111 -25.77 -19.88 -27.17
C GLN B 111 -24.78 -20.65 -26.32
N THR B 112 -23.68 -21.04 -26.97
CA THR B 112 -22.61 -21.80 -26.34
C THR B 112 -21.92 -21.10 -25.17
N GLN B 113 -21.80 -19.78 -25.24
CA GLN B 113 -21.12 -18.99 -24.21
C GLN B 113 -19.62 -19.25 -24.39
N ASN B 114 -19.19 -19.32 -25.64
CA ASN B 114 -17.79 -19.58 -26.02
C ASN B 114 -17.31 -18.56 -27.04
N PHE B 115 -16.00 -18.34 -27.11
CA PHE B 115 -15.44 -17.42 -28.10
C PHE B 115 -15.05 -18.22 -29.33
N LEU B 116 -15.67 -17.92 -30.46
CA LEU B 116 -15.34 -18.67 -31.66
C LEU B 116 -14.43 -17.79 -32.48
N CYS B 117 -13.13 -18.00 -32.31
CA CYS B 117 -12.16 -17.21 -33.04
C CYS B 117 -11.73 -18.02 -34.25
N GLY B 118 -12.57 -18.00 -35.28
CA GLY B 118 -12.30 -18.76 -36.48
C GLY B 118 -12.66 -20.20 -36.19
N PRO B 119 -11.66 -21.09 -36.22
CA PRO B 119 -11.77 -22.54 -35.97
C PRO B 119 -11.70 -22.91 -34.48
N LEU B 120 -11.04 -22.07 -33.70
CA LEU B 120 -10.89 -22.32 -32.28
C LEU B 120 -12.17 -21.89 -31.60
N ARG B 121 -12.33 -22.36 -30.36
CA ARG B 121 -13.48 -22.06 -29.54
C ARG B 121 -12.99 -22.10 -28.10
N TYR B 122 -12.82 -20.94 -27.49
CA TYR B 122 -12.34 -20.85 -26.11
C TYR B 122 -13.51 -20.86 -25.14
N THR B 123 -13.34 -21.58 -24.05
CA THR B 123 -14.40 -21.70 -23.05
C THR B 123 -13.96 -21.14 -21.70
N ILE B 124 -14.88 -21.12 -20.74
CA ILE B 124 -14.58 -20.58 -19.42
C ILE B 124 -13.66 -21.42 -18.52
N GLU B 125 -13.46 -22.71 -18.81
CA GLU B 125 -12.56 -23.52 -17.97
C GLU B 125 -11.15 -23.43 -18.54
N ASP B 126 -11.03 -22.97 -19.79
CA ASP B 126 -9.73 -22.79 -20.42
C ASP B 126 -9.03 -21.70 -19.60
N GLY B 127 -9.71 -20.58 -19.42
CA GLY B 127 -9.14 -19.49 -18.64
C GLY B 127 -8.88 -19.96 -17.22
N ALA B 128 -9.77 -20.78 -16.68
CA ALA B 128 -9.62 -21.30 -15.34
C ALA B 128 -8.36 -22.17 -15.23
N ARG B 129 -8.11 -22.94 -16.28
CA ARG B 129 -6.93 -23.80 -16.33
C ARG B 129 -5.69 -22.93 -16.34
N VAL B 130 -5.72 -21.87 -17.14
CA VAL B 130 -4.60 -20.96 -17.22
C VAL B 130 -4.35 -20.26 -15.87
N GLY B 131 -5.21 -20.53 -14.88
CA GLY B 131 -5.03 -19.96 -13.55
C GLY B 131 -5.91 -18.83 -13.03
N PHE B 132 -6.57 -18.09 -13.90
CA PHE B 132 -7.42 -16.98 -13.50
C PHE B 132 -8.46 -17.32 -12.44
N GLN B 133 -8.38 -16.67 -11.27
CA GLN B 133 -9.33 -16.94 -10.20
C GLN B 133 -10.72 -17.06 -10.80
N VAL B 134 -11.56 -17.86 -10.14
CA VAL B 134 -12.91 -18.09 -10.63
C VAL B 134 -13.78 -16.86 -10.84
N GLU B 135 -13.98 -16.07 -9.78
CA GLU B 135 -14.79 -14.87 -9.84
C GLU B 135 -14.47 -13.97 -11.00
N PHE B 136 -13.18 -13.73 -11.22
CA PHE B 136 -12.74 -12.89 -12.31
C PHE B 136 -13.35 -13.37 -13.62
N LEU B 137 -13.28 -14.68 -13.84
CA LEU B 137 -13.83 -15.30 -15.04
C LEU B 137 -15.35 -15.25 -15.05
N GLU B 138 -15.95 -15.39 -13.87
CA GLU B 138 -17.40 -15.33 -13.74
C GLU B 138 -17.86 -13.94 -14.13
N LEU B 139 -17.23 -12.96 -13.48
CA LEU B 139 -17.49 -11.54 -13.72
C LEU B 139 -17.28 -11.23 -15.20
N LEU B 140 -16.05 -11.44 -15.65
CA LEU B 140 -15.64 -11.23 -17.02
C LEU B 140 -16.57 -11.86 -18.08
N PHE B 141 -17.14 -13.03 -17.78
CA PHE B 141 -18.05 -13.70 -18.71
C PHE B 141 -19.44 -13.08 -18.72
N HIS B 142 -19.86 -12.57 -17.56
CA HIS B 142 -21.15 -11.93 -17.51
C HIS B 142 -21.08 -10.72 -18.46
N PHE B 143 -20.03 -9.94 -18.29
CA PHE B 143 -19.81 -8.76 -19.12
C PHE B 143 -20.16 -9.00 -20.57
N HIS B 144 -19.56 -10.04 -21.15
CA HIS B 144 -19.83 -10.31 -22.55
C HIS B 144 -21.24 -10.75 -22.83
N GLY B 145 -21.84 -11.51 -21.90
CA GLY B 145 -23.22 -11.93 -22.10
C GLY B 145 -23.95 -10.63 -22.36
N THR B 146 -23.90 -9.77 -21.33
CA THR B 146 -24.51 -8.45 -21.33
C THR B 146 -24.24 -7.65 -22.60
N LEU B 147 -22.97 -7.45 -22.92
CA LEU B 147 -22.59 -6.69 -24.10
C LEU B 147 -23.03 -7.24 -25.44
N ARG B 148 -22.88 -8.55 -25.63
CA ARG B 148 -23.27 -9.17 -26.90
C ARG B 148 -24.78 -9.07 -27.12
N LYS B 149 -25.53 -9.18 -26.02
CA LYS B 149 -27.00 -9.12 -26.02
C LYS B 149 -27.57 -7.83 -26.58
N LEU B 150 -26.85 -6.72 -26.40
CA LEU B 150 -27.31 -5.43 -26.90
C LEU B 150 -27.39 -5.40 -28.43
N GLN B 151 -26.62 -6.27 -29.08
CA GLN B 151 -26.61 -6.34 -30.54
C GLN B 151 -26.17 -5.00 -31.04
N LEU B 152 -24.86 -4.83 -31.21
CA LEU B 152 -24.33 -3.56 -31.67
C LEU B 152 -23.66 -3.65 -33.05
N GLN B 153 -24.31 -3.07 -34.05
CA GLN B 153 -23.78 -3.07 -35.41
C GLN B 153 -22.29 -2.75 -35.34
N GLU B 154 -21.51 -3.19 -36.34
CA GLU B 154 -20.06 -2.94 -36.32
C GLU B 154 -19.72 -1.50 -35.92
N PRO B 155 -20.22 -0.49 -36.67
CA PRO B 155 -19.90 0.88 -36.26
C PRO B 155 -20.24 1.16 -34.79
N GLU B 156 -21.38 0.64 -34.34
CA GLU B 156 -21.78 0.80 -32.95
C GLU B 156 -20.72 0.22 -32.02
N TYR B 157 -19.93 -0.71 -32.53
CA TYR B 157 -18.84 -1.33 -31.77
C TYR B 157 -17.57 -0.47 -31.77
N VAL B 158 -17.14 -0.04 -32.96
CA VAL B 158 -15.92 0.76 -33.09
C VAL B 158 -15.93 2.02 -32.23
N LEU B 159 -17.02 2.78 -32.28
CA LEU B 159 -17.14 4.00 -31.49
C LEU B 159 -16.83 3.74 -30.03
N LEU B 160 -17.52 2.75 -29.47
CA LEU B 160 -17.34 2.37 -28.07
C LEU B 160 -15.85 2.19 -27.77
N ALA B 161 -15.17 1.51 -28.69
CA ALA B 161 -13.72 1.29 -28.57
C ALA B 161 -13.08 2.66 -28.37
N ALA B 162 -13.31 3.54 -29.33
CA ALA B 162 -12.79 4.90 -29.27
C ALA B 162 -13.04 5.55 -27.91
N MET B 163 -14.27 5.42 -27.40
CA MET B 163 -14.62 6.00 -26.10
C MET B 163 -13.80 5.45 -24.96
N ALA B 164 -13.52 4.15 -24.98
CA ALA B 164 -12.72 3.56 -23.92
C ALA B 164 -11.37 4.27 -23.97
N LEU B 165 -10.80 4.31 -25.18
CA LEU B 165 -9.51 4.92 -25.46
C LEU B 165 -9.36 6.34 -24.93
N PHE B 166 -10.06 7.26 -25.60
CA PHE B 166 -10.03 8.67 -25.27
C PHE B 166 -10.72 9.02 -23.98
N SER B 167 -10.10 8.64 -22.87
CA SER B 167 -10.61 8.95 -21.56
C SER B 167 -9.55 9.86 -20.95
N PRO B 168 -9.92 11.11 -20.68
CA PRO B 168 -9.02 12.12 -20.09
C PRO B 168 -8.60 11.82 -18.63
N ASP B 169 -9.50 11.17 -17.90
CA ASP B 169 -9.24 10.84 -16.51
C ASP B 169 -8.12 9.86 -16.26
N ARG B 170 -7.64 9.18 -17.30
CA ARG B 170 -6.53 8.24 -17.17
C ARG B 170 -5.32 8.88 -16.47
N PRO B 171 -4.60 8.13 -15.61
CA PRO B 171 -3.45 8.78 -14.98
C PRO B 171 -2.32 8.95 -16.02
N GLY B 172 -1.61 10.08 -15.93
CA GLY B 172 -0.51 10.33 -16.87
C GLY B 172 -0.86 11.26 -18.01
N VAL B 173 -2.16 11.44 -18.28
CA VAL B 173 -2.63 12.33 -19.35
C VAL B 173 -2.15 13.75 -19.08
N THR B 174 -1.64 14.41 -20.11
CA THR B 174 -1.13 15.79 -19.98
C THR B 174 -1.98 16.87 -20.71
N GLN B 175 -2.63 16.50 -21.80
CA GLN B 175 -3.47 17.44 -22.53
C GLN B 175 -4.90 17.05 -22.19
N ARG B 176 -5.22 16.98 -20.91
CA ARG B 176 -6.57 16.57 -20.54
C ARG B 176 -7.64 17.45 -21.18
N ASP B 177 -7.26 18.62 -21.67
CA ASP B 177 -8.20 19.51 -22.34
C ASP B 177 -8.58 18.91 -23.69
N GLU B 178 -7.58 18.59 -24.49
CA GLU B 178 -7.82 18.01 -25.79
C GLU B 178 -8.57 16.69 -25.66
N ILE B 179 -8.04 15.80 -24.83
CA ILE B 179 -8.66 14.48 -24.62
C ILE B 179 -10.08 14.58 -24.07
N ASP B 180 -10.30 15.53 -23.17
CA ASP B 180 -11.61 15.74 -22.57
C ASP B 180 -12.65 16.10 -23.64
N GLN B 181 -12.20 16.83 -24.66
CA GLN B 181 -13.06 17.24 -25.76
C GLN B 181 -13.15 16.19 -26.83
N LEU B 182 -12.12 15.35 -26.92
CA LEU B 182 -12.12 14.25 -27.88
C LEU B 182 -13.14 13.26 -27.33
N GLN B 183 -13.17 13.15 -26.00
CA GLN B 183 -14.09 12.29 -25.26
C GLN B 183 -15.51 12.84 -25.43
N GLU B 184 -15.65 14.15 -25.23
CA GLU B 184 -16.91 14.86 -25.39
C GLU B 184 -17.40 14.63 -26.82
N GLU B 185 -16.45 14.70 -27.76
CA GLU B 185 -16.70 14.51 -29.18
C GLU B 185 -17.22 13.12 -29.52
N MET B 186 -16.46 12.10 -29.15
CA MET B 186 -16.85 10.72 -29.42
C MET B 186 -18.22 10.47 -28.83
N ALA B 187 -18.33 10.63 -27.52
CA ALA B 187 -19.58 10.43 -26.82
C ALA B 187 -20.77 10.87 -27.68
N LEU B 188 -20.72 12.11 -28.14
CA LEU B 188 -21.79 12.69 -28.96
C LEU B 188 -21.99 12.00 -30.31
N THR B 189 -20.89 11.81 -31.04
CA THR B 189 -20.96 11.14 -32.35
C THR B 189 -21.74 9.82 -32.29
N LEU B 190 -21.58 9.09 -31.19
CA LEU B 190 -22.26 7.81 -31.00
C LEU B 190 -23.72 7.98 -30.61
N GLN B 191 -24.00 8.92 -29.72
CA GLN B 191 -25.36 9.17 -29.28
C GLN B 191 -26.29 9.43 -30.45
N SER B 192 -25.72 9.94 -31.54
CA SER B 192 -26.47 10.23 -32.76
C SER B 192 -26.83 8.93 -33.49
N TYR B 193 -25.84 8.06 -33.63
CA TYR B 193 -26.05 6.78 -34.29
C TYR B 193 -27.10 5.94 -33.57
N ILE B 194 -27.04 5.91 -32.24
CA ILE B 194 -27.99 5.14 -31.44
C ILE B 194 -29.43 5.52 -31.75
N LYS B 195 -29.69 6.82 -31.85
CA LYS B 195 -31.03 7.30 -32.15
C LYS B 195 -31.42 6.91 -33.58
N GLY B 196 -30.44 6.88 -34.48
CA GLY B 196 -30.70 6.49 -35.85
C GLY B 196 -30.71 4.97 -35.96
N GLN B 197 -31.57 4.34 -35.16
CA GLN B 197 -31.69 2.89 -35.15
C GLN B 197 -32.77 2.46 -36.13
N GLN B 198 -32.31 2.03 -37.31
CA GLN B 198 -33.20 1.56 -38.37
C GLN B 198 -34.10 0.51 -37.71
N ARG B 199 -33.57 -0.70 -37.52
CA ARG B 199 -34.35 -1.74 -36.87
C ARG B 199 -34.23 -1.48 -35.38
N ARG B 200 -35.35 -1.57 -34.67
CA ARG B 200 -35.36 -1.36 -33.24
C ARG B 200 -35.38 -2.72 -32.54
N PRO B 201 -34.37 -3.59 -32.81
CA PRO B 201 -34.49 -4.86 -32.09
C PRO B 201 -33.86 -4.72 -30.70
N ARG B 202 -33.14 -3.60 -30.51
CA ARG B 202 -32.42 -3.27 -29.27
C ARG B 202 -33.10 -2.25 -28.35
N ASP B 203 -32.43 -1.98 -27.24
CA ASP B 203 -32.90 -1.06 -26.21
C ASP B 203 -33.11 0.38 -26.66
N ARG B 204 -33.67 1.16 -25.74
CA ARG B 204 -33.94 2.59 -25.93
C ARG B 204 -32.75 3.32 -25.29
N PHE B 205 -32.40 2.88 -24.07
CA PHE B 205 -31.30 3.46 -23.32
C PHE B 205 -30.04 2.63 -23.57
N LEU B 206 -29.74 2.39 -24.84
CA LEU B 206 -28.56 1.61 -25.19
C LEU B 206 -27.34 2.35 -24.69
N TYR B 207 -27.17 3.60 -25.14
CA TYR B 207 -26.04 4.43 -24.73
C TYR B 207 -25.91 4.44 -23.20
N ALA B 208 -27.00 4.77 -22.53
CA ALA B 208 -27.00 4.81 -21.08
C ALA B 208 -26.46 3.51 -20.49
N LYS B 209 -26.80 2.38 -21.10
CA LYS B 209 -26.34 1.09 -20.63
C LYS B 209 -24.86 0.85 -20.98
N LEU B 210 -24.46 1.31 -22.17
CA LEU B 210 -23.08 1.19 -22.67
C LEU B 210 -22.04 1.85 -21.75
N LEU B 211 -22.45 2.95 -21.11
CA LEU B 211 -21.61 3.70 -20.19
C LEU B 211 -21.43 2.84 -18.96
N GLY B 212 -22.52 2.19 -18.56
CA GLY B 212 -22.44 1.31 -17.43
C GLY B 212 -21.33 0.33 -17.77
N LEU B 213 -21.28 -0.10 -19.03
CA LEU B 213 -20.26 -1.03 -19.50
C LEU B 213 -18.87 -0.41 -19.62
N LEU B 214 -18.77 0.83 -20.08
CA LEU B 214 -17.47 1.47 -20.15
C LEU B 214 -16.94 1.53 -18.72
N ALA B 215 -17.87 1.67 -17.77
CA ALA B 215 -17.55 1.72 -16.35
C ALA B 215 -17.14 0.33 -15.90
N GLU B 216 -17.89 -0.69 -16.34
CA GLU B 216 -17.59 -2.06 -15.97
C GLU B 216 -16.24 -2.46 -16.55
N LEU B 217 -15.91 -1.98 -17.74
CA LEU B 217 -14.63 -2.24 -18.39
C LEU B 217 -13.47 -1.66 -17.56
N ARG B 218 -13.74 -0.62 -16.78
CA ARG B 218 -12.73 -0.01 -15.92
C ARG B 218 -12.45 -1.01 -14.81
N SER B 219 -13.53 -1.49 -14.19
CA SER B 219 -13.44 -2.48 -13.13
C SER B 219 -12.57 -3.62 -13.68
N ILE B 220 -12.91 -4.05 -14.89
CA ILE B 220 -12.20 -5.12 -15.57
C ILE B 220 -10.71 -4.85 -15.77
N ASN B 221 -10.37 -3.67 -16.30
CA ASN B 221 -8.96 -3.36 -16.53
C ASN B 221 -8.20 -3.60 -15.23
N GLU B 222 -8.68 -3.03 -14.14
CA GLU B 222 -8.03 -3.18 -12.84
C GLU B 222 -7.97 -4.61 -12.29
N ALA B 223 -9.05 -5.36 -12.44
CA ALA B 223 -9.10 -6.74 -11.95
C ALA B 223 -8.16 -7.68 -12.69
N TYR B 224 -8.03 -7.48 -14.00
CA TYR B 224 -7.15 -8.30 -14.81
C TYR B 224 -5.71 -8.07 -14.40
N GLY B 225 -5.34 -6.80 -14.25
CA GLY B 225 -4.00 -6.46 -13.85
C GLY B 225 -3.55 -7.18 -12.59
N TYR B 226 -4.46 -7.31 -11.63
CA TYR B 226 -4.17 -8.02 -10.39
C TYR B 226 -4.02 -9.52 -10.65
N GLN B 227 -4.77 -10.03 -11.63
CA GLN B 227 -4.70 -11.44 -11.97
C GLN B 227 -3.34 -11.87 -12.52
N ILE B 228 -2.85 -11.22 -13.57
CA ILE B 228 -1.58 -11.59 -14.19
C ILE B 228 -0.29 -11.33 -13.38
N GLN B 229 -0.43 -11.20 -12.06
CA GLN B 229 0.71 -11.01 -11.16
C GLN B 229 0.51 -12.02 -10.03
N HIS B 230 -0.75 -12.20 -9.64
CA HIS B 230 -1.14 -13.17 -8.64
C HIS B 230 -0.95 -14.58 -9.24
N ILE B 231 -0.62 -14.61 -10.52
CA ILE B 231 -0.39 -15.84 -11.25
C ILE B 231 1.09 -15.97 -11.56
N GLN B 232 1.73 -16.91 -10.87
CA GLN B 232 3.15 -17.17 -11.01
C GLN B 232 3.72 -17.05 -12.41
N GLY B 233 4.77 -16.24 -12.53
CA GLY B 233 5.45 -16.05 -13.80
C GLY B 233 4.67 -15.62 -15.02
N LEU B 234 3.35 -15.79 -15.02
CA LEU B 234 2.53 -15.41 -16.16
C LEU B 234 2.84 -14.00 -16.66
N SER B 235 2.84 -13.05 -15.73
CA SER B 235 3.14 -11.65 -16.03
C SER B 235 4.35 -11.62 -16.97
N ALA B 236 5.42 -12.29 -16.54
CA ALA B 236 6.67 -12.38 -17.26
C ALA B 236 6.52 -12.82 -18.72
N MET B 237 5.61 -13.76 -18.99
CA MET B 237 5.41 -14.25 -20.35
C MET B 237 5.02 -13.22 -21.41
N MET B 238 4.27 -12.21 -21.01
CA MET B 238 3.83 -11.18 -21.94
C MET B 238 4.28 -9.82 -21.40
N PRO B 239 5.54 -9.46 -21.67
CA PRO B 239 6.15 -8.20 -21.22
C PRO B 239 5.44 -6.94 -21.74
N LEU B 240 4.73 -7.06 -22.84
CA LEU B 240 4.00 -5.92 -23.39
C LEU B 240 2.90 -5.55 -22.43
N LEU B 241 2.05 -6.53 -22.15
CA LEU B 241 0.94 -6.32 -21.23
C LEU B 241 1.46 -5.78 -19.90
N GLN B 242 2.52 -6.41 -19.41
CA GLN B 242 3.17 -6.03 -18.16
C GLN B 242 3.31 -4.50 -18.04
N GLU B 243 3.63 -3.84 -19.17
CA GLU B 243 3.79 -2.38 -19.24
C GLU B 243 2.43 -1.70 -19.30
N ILE B 244 1.49 -2.32 -20.00
CA ILE B 244 0.15 -1.78 -20.12
C ILE B 244 -0.50 -1.76 -18.75
N CYS B 245 -0.12 -2.72 -17.92
CA CYS B 245 -0.65 -2.84 -16.57
C CYS B 245 0.23 -2.19 -15.49
N SER B 246 1.39 -1.66 -15.88
CA SER B 246 2.29 -1.03 -14.93
C SER B 246 1.76 0.32 -14.43
N ASN C 1 41.12 -5.19 10.63
CA ASN C 1 42.59 -5.00 10.56
C ASN C 1 43.11 -5.48 9.22
N GLU C 2 43.59 -6.72 9.25
CA GLU C 2 44.17 -7.40 8.11
C GLU C 2 43.08 -8.11 7.27
N ASP C 3 42.12 -8.73 7.95
CA ASP C 3 41.03 -9.45 7.29
C ASP C 3 40.05 -8.51 6.60
N MET C 4 39.78 -7.37 7.24
CA MET C 4 38.88 -6.36 6.70
C MET C 4 39.64 -5.06 6.46
N PRO C 5 40.25 -4.93 5.27
CA PRO C 5 41.03 -3.76 4.84
C PRO C 5 40.23 -2.46 4.77
N VAL C 6 40.37 -1.63 5.81
CA VAL C 6 39.69 -0.34 5.89
C VAL C 6 40.01 0.54 4.65
N GLU C 7 41.16 0.27 4.04
CA GLU C 7 41.61 1.00 2.85
C GLU C 7 40.87 0.53 1.61
N ARG C 8 40.41 -0.73 1.65
CA ARG C 8 39.67 -1.35 0.55
C ARG C 8 38.17 -1.16 0.73
N ILE C 9 37.75 -0.93 1.96
CA ILE C 9 36.34 -0.67 2.26
C ILE C 9 36.14 0.77 1.81
N LEU C 10 36.91 1.68 2.37
CA LEU C 10 36.81 3.08 1.98
C LEU C 10 37.04 3.16 0.47
N GLU C 11 37.97 2.35 -0.03
CA GLU C 11 38.30 2.29 -1.46
C GLU C 11 37.06 1.90 -2.27
N ALA C 12 36.15 1.18 -1.62
CA ALA C 12 34.90 0.74 -2.23
C ALA C 12 33.86 1.85 -2.19
N GLU C 13 34.00 2.76 -1.21
CA GLU C 13 33.09 3.90 -1.04
C GLU C 13 33.43 4.92 -2.13
N LEU C 14 34.68 5.35 -2.12
CA LEU C 14 35.18 6.34 -3.07
C LEU C 14 35.01 5.93 -4.53
N ALA C 15 35.23 4.66 -4.84
CA ALA C 15 35.10 4.18 -6.21
C ALA C 15 33.63 4.00 -6.64
N VAL C 16 32.71 4.66 -5.94
CA VAL C 16 31.28 4.58 -6.24
C VAL C 16 30.60 5.94 -6.48
N GLU C 17 31.15 7.00 -5.88
CA GLU C 17 30.58 8.33 -6.03
C GLU C 17 30.90 8.97 -7.39
N PRO C 18 29.90 9.62 -8.02
CA PRO C 18 29.96 10.30 -9.31
C PRO C 18 31.00 11.42 -9.44
N LYS C 19 31.57 11.55 -10.64
CA LYS C 19 32.58 12.58 -10.88
C LYS C 19 31.99 13.92 -11.34
N THR C 20 30.67 14.04 -11.26
CA THR C 20 29.97 15.27 -11.65
C THR C 20 28.66 15.42 -10.86
N GLU C 21 28.75 15.94 -9.64
CA GLU C 21 27.56 16.10 -8.80
C GLU C 21 26.98 17.52 -8.87
N THR C 22 25.88 17.68 -9.60
CA THR C 22 25.22 18.98 -9.71
C THR C 22 23.91 18.94 -8.92
N TYR C 23 23.34 20.10 -8.64
CA TYR C 23 22.09 20.13 -7.87
C TYR C 23 21.09 21.19 -8.26
N VAL C 24 19.89 20.71 -8.59
CA VAL C 24 18.77 21.52 -9.00
C VAL C 24 17.69 21.42 -7.93
N GLU C 25 17.14 22.55 -7.52
CA GLU C 25 16.09 22.52 -6.51
C GLU C 25 14.89 21.74 -7.01
N ALA C 26 14.23 21.01 -6.11
CA ALA C 26 13.06 20.22 -6.45
C ALA C 26 11.81 21.06 -6.17
N ASN C 27 10.80 20.97 -7.05
CA ASN C 27 9.56 21.76 -6.87
C ASN C 27 8.63 21.20 -5.81
N MET C 28 7.39 21.67 -5.78
CA MET C 28 6.42 21.24 -4.76
C MET C 28 5.67 19.94 -5.02
N GLY C 29 5.88 19.36 -6.22
CA GLY C 29 5.24 18.11 -6.56
C GLY C 29 3.75 18.23 -6.83
N LEU C 30 3.26 19.46 -6.93
CA LEU C 30 1.84 19.68 -7.22
C LEU C 30 1.51 19.36 -8.69
N ASN C 31 2.42 18.63 -9.34
CA ASN C 31 2.27 18.22 -10.73
C ASN C 31 3.35 17.18 -10.97
N PRO C 32 3.00 15.89 -10.83
CA PRO C 32 3.88 14.72 -10.99
C PRO C 32 4.67 14.62 -12.31
N SER C 33 4.20 15.32 -13.35
CA SER C 33 4.87 15.31 -14.64
C SER C 33 6.02 16.32 -14.74
N SER C 34 6.24 17.08 -13.66
CA SER C 34 7.31 18.07 -13.62
C SER C 34 8.64 17.33 -13.58
N PRO C 35 9.66 17.84 -14.31
CA PRO C 35 10.96 17.16 -14.32
C PRO C 35 11.58 16.98 -12.92
N ASN C 36 11.26 17.91 -12.02
CA ASN C 36 11.79 17.86 -10.65
C ASN C 36 10.76 17.53 -9.57
N ASP C 37 9.89 16.56 -9.83
CA ASP C 37 8.89 16.16 -8.82
C ASP C 37 9.63 15.46 -7.68
N PRO C 38 9.34 15.85 -6.44
CA PRO C 38 10.00 15.24 -5.28
C PRO C 38 9.96 13.70 -5.27
N VAL C 39 8.75 13.14 -5.24
CA VAL C 39 8.55 11.69 -5.18
C VAL C 39 8.89 10.88 -6.44
N THR C 40 8.72 11.45 -7.63
CA THR C 40 9.05 10.73 -8.86
C THR C 40 10.57 10.68 -9.04
N ASN C 41 11.26 11.60 -8.37
CA ASN C 41 12.72 11.67 -8.40
C ASN C 41 13.32 10.73 -7.32
N ILE C 42 12.58 10.50 -6.22
CA ILE C 42 13.06 9.59 -5.16
C ILE C 42 13.10 8.14 -5.69
N CYS C 43 12.08 7.80 -6.48
CA CYS C 43 11.93 6.48 -7.08
C CYS C 43 12.97 6.27 -8.19
N GLN C 44 13.28 7.36 -8.89
CA GLN C 44 14.27 7.34 -9.96
C GLN C 44 15.72 7.29 -9.42
N ALA C 45 15.94 7.90 -8.26
CA ALA C 45 17.27 7.93 -7.63
C ALA C 45 17.56 6.60 -6.94
N ALA C 46 16.64 6.14 -6.09
CA ALA C 46 16.80 4.88 -5.38
C ALA C 46 17.05 3.77 -6.38
N ASP C 47 16.29 3.77 -7.48
CA ASP C 47 16.45 2.74 -8.51
C ASP C 47 17.84 2.77 -9.14
N LYS C 48 18.40 3.97 -9.29
CA LYS C 48 19.73 4.16 -9.85
C LYS C 48 20.80 3.72 -8.84
N GLN C 49 20.67 4.21 -7.61
CA GLN C 49 21.57 3.92 -6.50
C GLN C 49 21.53 2.48 -6.00
N LEU C 50 20.72 1.66 -6.64
CA LEU C 50 20.61 0.26 -6.27
C LEU C 50 21.63 -0.53 -7.08
N PHE C 51 21.77 -0.17 -8.36
CA PHE C 51 22.74 -0.83 -9.23
C PHE C 51 24.13 -0.57 -8.68
N THR C 52 24.39 0.68 -8.37
CA THR C 52 25.68 1.08 -7.84
C THR C 52 25.92 0.42 -6.48
N LEU C 53 24.84 0.20 -5.72
CA LEU C 53 24.95 -0.45 -4.43
C LEU C 53 25.50 -1.87 -4.63
N VAL C 54 25.07 -2.51 -5.71
CA VAL C 54 25.54 -3.86 -6.07
C VAL C 54 27.05 -3.80 -6.18
N GLU C 55 27.54 -2.94 -7.08
CA GLU C 55 28.98 -2.78 -7.25
C GLU C 55 29.64 -2.50 -5.92
N TRP C 56 28.99 -1.66 -5.10
CA TRP C 56 29.52 -1.31 -3.78
C TRP C 56 29.75 -2.55 -2.94
N ALA C 57 28.79 -3.46 -2.97
CA ALA C 57 28.87 -4.70 -2.21
C ALA C 57 29.98 -5.61 -2.74
N LYS C 58 30.01 -5.81 -4.05
CA LYS C 58 31.04 -6.64 -4.66
C LYS C 58 32.41 -6.18 -4.15
N ARG C 59 32.69 -4.89 -4.30
CA ARG C 59 33.96 -4.30 -3.86
C ARG C 59 34.14 -4.24 -2.33
N ILE C 60 33.52 -5.18 -1.62
CA ILE C 60 33.63 -5.26 -0.16
C ILE C 60 34.51 -6.47 0.16
N PRO C 61 35.60 -6.26 0.93
CA PRO C 61 36.48 -7.37 1.29
C PRO C 61 35.77 -8.59 1.89
N HIS C 62 35.62 -9.63 1.06
CA HIS C 62 34.99 -10.91 1.40
C HIS C 62 33.48 -11.02 1.11
N PHE C 63 32.98 -10.27 0.13
CA PHE C 63 31.55 -10.35 -0.17
C PHE C 63 31.23 -11.29 -1.33
N SER C 64 31.99 -11.20 -2.41
CA SER C 64 31.76 -12.07 -3.57
C SER C 64 32.25 -13.50 -3.32
N GLU C 65 32.63 -13.78 -2.08
CA GLU C 65 33.11 -15.10 -1.63
C GLU C 65 31.98 -15.91 -0.97
N LEU C 66 30.91 -15.23 -0.59
CA LEU C 66 29.77 -15.87 0.06
C LEU C 66 28.84 -16.41 -1.02
N PRO C 67 28.20 -17.57 -0.76
CA PRO C 67 27.27 -18.21 -1.71
C PRO C 67 26.35 -17.20 -2.37
N LEU C 68 26.16 -17.34 -3.69
CA LEU C 68 25.31 -16.42 -4.43
C LEU C 68 23.97 -16.19 -3.71
N ASP C 69 23.30 -17.29 -3.36
CA ASP C 69 22.00 -17.21 -2.68
C ASP C 69 22.05 -16.40 -1.39
N ASP C 70 23.11 -16.54 -0.62
CA ASP C 70 23.22 -15.78 0.62
C ASP C 70 23.51 -14.31 0.34
N GLN C 71 24.19 -14.03 -0.76
CA GLN C 71 24.48 -12.63 -1.11
C GLN C 71 23.13 -11.97 -1.36
N VAL C 72 22.30 -12.65 -2.16
CA VAL C 72 20.96 -12.18 -2.49
C VAL C 72 20.11 -11.85 -1.26
N ILE C 73 20.23 -12.69 -0.23
CA ILE C 73 19.48 -12.51 1.01
C ILE C 73 19.99 -11.34 1.86
N LEU C 74 21.31 -11.19 1.93
CA LEU C 74 21.90 -10.10 2.70
C LEU C 74 21.61 -8.74 2.10
N LEU C 75 21.37 -8.71 0.79
CA LEU C 75 21.06 -7.48 0.08
C LEU C 75 19.63 -7.03 0.34
N ARG C 76 18.68 -7.84 -0.14
CA ARG C 76 17.26 -7.57 0.04
C ARG C 76 16.98 -7.04 1.44
N ALA C 77 17.40 -7.81 2.44
CA ALA C 77 17.19 -7.49 3.84
C ALA C 77 17.68 -6.14 4.39
N GLY C 78 18.29 -5.29 3.56
CA GLY C 78 18.75 -4.02 4.08
C GLY C 78 19.16 -2.93 3.12
N TRP C 79 19.07 -3.17 1.80
CA TRP C 79 19.44 -2.16 0.81
C TRP C 79 18.81 -0.81 1.13
N ASN C 80 17.66 -0.88 1.80
CA ASN C 80 16.91 0.27 2.21
C ASN C 80 17.72 1.08 3.21
N GLU C 81 17.90 0.52 4.41
CA GLU C 81 18.68 1.20 5.43
C GLU C 81 20.04 1.62 4.87
N LEU C 82 20.52 0.88 3.88
CA LEU C 82 21.80 1.17 3.24
C LEU C 82 21.73 2.47 2.46
N LEU C 83 20.83 2.50 1.48
CA LEU C 83 20.66 3.69 0.68
C LEU C 83 20.39 4.88 1.57
N ILE C 84 19.57 4.65 2.60
CA ILE C 84 19.22 5.68 3.55
C ILE C 84 20.48 6.12 4.31
N ALA C 85 21.52 5.29 4.26
CA ALA C 85 22.81 5.60 4.88
C ALA C 85 23.59 6.48 3.93
N SER C 86 23.57 6.11 2.64
CA SER C 86 24.25 6.87 1.59
C SER C 86 23.85 8.34 1.54
N PHE C 87 22.68 8.62 0.97
CA PHE C 87 22.19 10.01 0.85
C PHE C 87 22.10 10.76 2.17
N SER C 88 22.02 10.04 3.28
CA SER C 88 21.94 10.70 4.58
C SER C 88 23.25 11.44 4.77
N HIS C 89 24.36 10.71 4.64
CA HIS C 89 25.71 11.26 4.79
C HIS C 89 25.98 12.37 3.77
N ARG C 90 25.71 12.03 2.52
CA ARG C 90 25.87 12.94 1.42
C ARG C 90 25.23 14.30 1.76
N SER C 91 24.04 14.24 2.36
CA SER C 91 23.29 15.45 2.74
C SER C 91 23.78 16.20 3.98
N ILE C 92 24.97 15.85 4.47
CA ILE C 92 25.51 16.53 5.64
C ILE C 92 25.98 17.91 5.21
N ALA C 93 26.33 18.00 3.92
CA ALA C 93 26.82 19.20 3.24
C ALA C 93 25.85 20.36 3.19
N VAL C 94 24.56 20.06 3.26
CA VAL C 94 23.50 21.07 3.20
C VAL C 94 22.70 21.17 4.50
N LYS C 95 22.05 22.32 4.69
CA LYS C 95 21.24 22.54 5.89
C LYS C 95 19.77 22.42 5.45
N ASP C 96 18.97 21.75 6.28
CA ASP C 96 17.54 21.56 6.04
C ASP C 96 17.20 20.95 4.70
N GLY C 97 18.05 20.08 4.17
CA GLY C 97 17.72 19.49 2.88
C GLY C 97 18.27 18.11 2.73
N ILE C 98 17.98 17.49 1.59
CA ILE C 98 18.47 16.15 1.30
C ILE C 98 19.03 16.15 -0.10
N LEU C 99 20.29 15.78 -0.19
CA LEU C 99 20.98 15.73 -1.48
C LEU C 99 20.74 14.38 -2.15
N LEU C 100 19.78 14.36 -3.06
CA LEU C 100 19.40 13.16 -3.81
C LEU C 100 20.36 12.83 -4.92
N ALA C 101 20.43 11.54 -5.26
CA ALA C 101 21.34 11.04 -6.28
C ALA C 101 20.99 11.31 -7.75
N THR C 102 20.04 12.22 -7.99
CA THR C 102 19.65 12.59 -9.34
C THR C 102 20.03 14.07 -9.58
N GLY C 103 20.70 14.63 -8.58
CA GLY C 103 21.12 16.01 -8.64
C GLY C 103 19.89 16.83 -8.35
N LEU C 104 19.22 16.52 -7.25
CA LEU C 104 18.03 17.25 -6.89
C LEU C 104 17.96 17.45 -5.41
N HIS C 105 18.43 18.61 -4.95
CA HIS C 105 18.33 18.88 -3.55
C HIS C 105 16.84 19.06 -3.31
N VAL C 106 16.36 18.62 -2.17
CA VAL C 106 14.95 18.79 -1.89
C VAL C 106 14.85 19.39 -0.50
N HIS C 107 14.46 20.66 -0.43
CA HIS C 107 14.35 21.34 0.85
C HIS C 107 13.35 20.65 1.80
N ARG C 108 13.41 21.03 3.07
CA ARG C 108 12.53 20.55 4.14
C ARG C 108 11.08 20.97 3.89
N ASN C 109 10.82 21.61 2.75
CA ASN C 109 9.50 22.10 2.40
C ASN C 109 8.86 21.46 1.19
N SER C 110 9.69 20.98 0.26
CA SER C 110 9.14 20.27 -0.89
C SER C 110 8.75 18.90 -0.32
N ALA C 111 9.30 18.59 0.86
CA ALA C 111 9.08 17.34 1.57
C ALA C 111 7.72 17.36 2.20
N HIS C 112 7.57 18.20 3.20
CA HIS C 112 6.30 18.30 3.88
C HIS C 112 5.18 18.44 2.86
N SER C 113 5.43 19.24 1.82
CA SER C 113 4.50 19.49 0.72
C SER C 113 4.21 18.25 -0.13
N ALA C 114 5.26 17.51 -0.50
CA ALA C 114 5.09 16.32 -1.34
C ALA C 114 4.47 15.10 -0.62
N GLY C 115 4.33 15.17 0.70
CA GLY C 115 3.74 14.06 1.44
C GLY C 115 4.68 13.20 2.24
N VAL C 116 5.88 13.71 2.46
CA VAL C 116 6.91 12.98 3.21
C VAL C 116 7.60 13.84 4.27
N GLY C 117 6.84 14.75 4.87
CA GLY C 117 7.37 15.65 5.87
C GLY C 117 7.94 15.03 7.13
N ALA C 118 7.08 14.46 7.96
CA ALA C 118 7.50 13.84 9.23
C ALA C 118 8.69 12.87 9.19
N ILE C 119 8.87 12.17 8.06
CA ILE C 119 10.00 11.24 7.87
C ILE C 119 11.28 12.04 7.52
N PHE C 120 11.16 12.97 6.57
CA PHE C 120 12.24 13.84 6.15
C PHE C 120 12.88 14.38 7.43
N ASP C 121 12.08 15.01 8.27
CA ASP C 121 12.56 15.54 9.52
C ASP C 121 13.40 14.49 10.20
N ARG C 122 12.79 13.33 10.47
CA ARG C 122 13.45 12.22 11.13
C ARG C 122 14.79 11.83 10.47
N VAL C 123 14.83 11.76 9.15
CA VAL C 123 16.09 11.43 8.50
C VAL C 123 17.11 12.53 8.84
N LEU C 124 16.73 13.80 8.74
CA LEU C 124 17.66 14.88 9.07
C LEU C 124 18.01 14.79 10.54
N THR C 125 17.12 15.26 11.41
CA THR C 125 17.38 15.24 12.86
C THR C 125 18.01 13.98 13.46
N GLU C 126 17.59 12.81 13.00
CA GLU C 126 18.12 11.55 13.52
C GLU C 126 19.35 11.01 12.82
N LEU C 127 19.43 11.21 11.51
CA LEU C 127 20.55 10.71 10.72
C LEU C 127 21.53 11.78 10.25
N VAL C 128 21.09 12.64 9.33
CA VAL C 128 21.91 13.74 8.77
C VAL C 128 22.57 14.61 9.84
N SER C 129 21.75 15.15 10.75
CA SER C 129 22.26 15.97 11.83
C SER C 129 23.35 15.26 12.65
N LYS C 130 23.02 14.09 13.21
CA LYS C 130 23.97 13.31 14.02
C LYS C 130 25.27 12.97 13.31
N MET C 131 25.18 12.44 12.10
CA MET C 131 26.37 12.09 11.34
C MET C 131 27.30 13.31 11.29
N ARG C 132 26.67 14.48 11.11
CA ARG C 132 27.36 15.77 11.03
C ARG C 132 28.07 16.19 12.31
N ASP C 133 27.30 16.40 13.37
CA ASP C 133 27.82 16.85 14.67
C ASP C 133 29.05 16.12 15.23
N MET C 134 29.41 14.98 14.67
CA MET C 134 30.59 14.25 15.12
C MET C 134 31.39 13.80 13.92
N GLN C 135 31.48 14.68 12.92
CA GLN C 135 32.21 14.43 11.68
C GLN C 135 32.52 12.95 11.43
N MET C 136 31.49 12.19 11.09
CA MET C 136 31.67 10.80 10.80
C MET C 136 32.17 10.81 9.37
N ASP C 137 33.36 10.28 9.10
CA ASP C 137 33.89 10.32 7.74
C ASP C 137 33.45 9.20 6.80
N LYS C 138 33.95 9.22 5.56
CA LYS C 138 33.58 8.23 4.55
C LYS C 138 34.23 6.87 4.80
N THR C 139 35.06 6.79 5.82
CA THR C 139 35.74 5.55 6.19
C THR C 139 34.84 4.85 7.20
N GLU C 140 34.53 5.57 8.29
CA GLU C 140 33.65 5.07 9.35
C GLU C 140 32.28 4.75 8.78
N LEU C 141 31.83 5.55 7.81
CA LEU C 141 30.54 5.33 7.15
C LEU C 141 30.57 3.91 6.62
N GLY C 142 31.29 3.71 5.52
CA GLY C 142 31.39 2.40 4.90
C GLY C 142 31.54 1.18 5.80
N CYS C 143 32.14 1.34 6.97
CA CYS C 143 32.29 0.22 7.88
C CYS C 143 30.91 -0.12 8.41
N LEU C 144 30.19 0.88 8.93
CA LEU C 144 28.85 0.64 9.40
C LEU C 144 28.04 0.06 8.23
N ARG C 145 28.22 0.64 7.04
CA ARG C 145 27.53 0.17 5.84
C ARG C 145 27.83 -1.31 5.57
N ALA C 146 28.90 -1.82 6.17
CA ALA C 146 29.29 -3.21 6.01
C ALA C 146 28.65 -4.02 7.13
N ILE C 147 28.64 -3.45 8.33
CA ILE C 147 28.05 -4.09 9.50
C ILE C 147 26.60 -4.45 9.22
N VAL C 148 25.91 -3.56 8.50
CA VAL C 148 24.53 -3.78 8.10
C VAL C 148 24.53 -4.95 7.13
N LEU C 149 25.16 -4.78 5.95
CA LEU C 149 25.22 -5.84 4.96
C LEU C 149 25.42 -7.23 5.59
N PHE C 150 26.39 -7.34 6.50
CA PHE C 150 26.67 -8.61 7.17
C PHE C 150 25.78 -8.78 8.41
N ASN C 151 24.52 -9.14 8.17
CA ASN C 151 23.55 -9.37 9.24
C ASN C 151 23.05 -10.82 9.18
N PRO C 152 23.52 -11.65 10.12
CA PRO C 152 23.15 -13.07 10.22
C PRO C 152 21.67 -13.33 10.45
N ASP C 153 21.00 -12.38 11.09
CA ASP C 153 19.58 -12.46 11.40
C ASP C 153 18.71 -12.28 10.16
N SER C 154 19.21 -12.74 9.02
CA SER C 154 18.46 -12.65 7.78
C SER C 154 17.92 -14.04 7.52
N LYS C 155 16.60 -14.12 7.36
CA LYS C 155 15.98 -15.39 7.11
C LYS C 155 16.44 -15.91 5.77
N GLY C 156 16.58 -17.24 5.69
CA GLY C 156 17.05 -17.85 4.48
C GLY C 156 18.57 -17.90 4.44
N LEU C 157 19.20 -17.45 5.53
CA LEU C 157 20.65 -17.43 5.60
C LEU C 157 21.18 -18.86 5.80
N SER C 158 21.66 -19.46 4.70
CA SER C 158 22.20 -20.82 4.70
C SER C 158 23.54 -20.97 5.44
N ASN C 159 24.26 -19.87 5.61
CA ASN C 159 25.52 -19.92 6.34
C ASN C 159 25.63 -18.71 7.26
N PRO C 160 24.79 -18.66 8.28
CA PRO C 160 24.76 -17.56 9.27
C PRO C 160 26.14 -17.36 9.87
N ALA C 161 26.82 -18.49 10.12
CA ALA C 161 28.15 -18.49 10.69
C ALA C 161 29.03 -17.48 9.98
N GLU C 162 29.50 -17.88 8.81
CA GLU C 162 30.37 -17.08 7.96
C GLU C 162 30.00 -15.61 8.07
N VAL C 163 28.74 -15.29 7.84
CA VAL C 163 28.23 -13.92 7.90
C VAL C 163 28.59 -13.15 9.17
N GLU C 164 28.20 -13.67 10.33
CA GLU C 164 28.52 -12.97 11.56
C GLU C 164 30.02 -12.96 11.85
N ALA C 165 30.75 -13.88 11.24
CA ALA C 165 32.20 -13.93 11.40
C ALA C 165 32.72 -12.69 10.70
N LEU C 166 32.26 -12.50 9.46
CA LEU C 166 32.64 -11.36 8.66
C LEU C 166 32.22 -10.08 9.36
N ARG C 167 30.96 -10.01 9.77
CA ARG C 167 30.44 -8.84 10.46
C ARG C 167 31.26 -8.56 11.73
N GLU C 168 31.89 -9.59 12.26
CA GLU C 168 32.73 -9.45 13.45
C GLU C 168 34.06 -8.79 13.04
N LYS C 169 34.59 -9.17 11.87
CA LYS C 169 35.84 -8.61 11.34
C LYS C 169 35.70 -7.09 11.13
N VAL C 170 34.52 -6.66 10.69
CA VAL C 170 34.23 -5.25 10.46
C VAL C 170 34.07 -4.50 11.79
N TYR C 171 33.73 -5.23 12.84
CA TYR C 171 33.60 -4.66 14.17
C TYR C 171 35.02 -4.37 14.66
N ALA C 172 35.99 -5.10 14.10
CA ALA C 172 37.41 -4.95 14.44
C ALA C 172 38.03 -3.78 13.69
N SER C 173 38.04 -3.86 12.37
CA SER C 173 38.60 -2.80 11.53
C SER C 173 38.01 -1.44 11.88
N LEU C 174 36.71 -1.39 12.20
CA LEU C 174 36.06 -0.11 12.53
C LEU C 174 36.47 0.50 13.86
N GLU C 175 36.84 -0.33 14.82
CA GLU C 175 37.29 0.21 16.09
C GLU C 175 38.78 0.49 15.97
N ALA C 176 39.47 -0.28 15.14
CA ALA C 176 40.89 -0.08 14.89
C ALA C 176 40.98 1.32 14.28
N TYR C 177 40.48 1.46 13.05
CA TYR C 177 40.49 2.77 12.41
C TYR C 177 39.94 3.85 13.33
N CYS C 178 38.92 3.52 14.12
CA CYS C 178 38.29 4.47 15.02
C CYS C 178 39.24 5.01 16.10
N LYS C 179 40.02 4.13 16.72
CA LYS C 179 40.96 4.56 17.76
C LYS C 179 42.18 5.20 17.12
N HIS C 180 42.70 4.60 16.05
CA HIS C 180 43.84 5.16 15.36
C HIS C 180 43.59 6.62 15.00
N LYS C 181 42.57 6.86 14.17
CA LYS C 181 42.23 8.19 13.70
C LYS C 181 41.67 9.14 14.77
N TYR C 182 40.74 8.65 15.58
CA TYR C 182 40.15 9.51 16.61
C TYR C 182 40.42 9.00 18.03
N PRO C 183 41.70 8.86 18.39
CA PRO C 183 42.10 8.38 19.72
C PRO C 183 41.98 9.44 20.80
N GLU C 184 41.31 10.55 20.47
CA GLU C 184 41.11 11.63 21.43
C GLU C 184 39.73 11.45 22.08
N GLN C 185 38.81 10.85 21.33
CA GLN C 185 37.44 10.61 21.79
C GLN C 185 37.16 9.17 22.21
N PRO C 186 36.71 9.01 23.47
CA PRO C 186 36.35 7.80 24.20
C PRO C 186 35.62 6.74 23.36
N GLY C 187 34.39 6.42 23.77
CA GLY C 187 33.60 5.43 23.06
C GLY C 187 32.94 5.94 21.79
N ARG C 188 33.77 6.40 20.84
CA ARG C 188 33.27 6.91 19.57
C ARG C 188 32.77 5.70 18.77
N PHE C 189 33.33 4.52 19.05
CA PHE C 189 32.91 3.28 18.40
C PHE C 189 31.46 3.02 18.80
N ALA C 190 31.20 3.17 20.10
CA ALA C 190 29.87 3.02 20.63
C ALA C 190 28.98 4.02 19.93
N LYS C 191 29.44 5.27 19.85
CA LYS C 191 28.72 6.35 19.17
C LYS C 191 28.30 5.94 17.77
N LEU C 192 29.28 5.55 16.95
CA LEU C 192 29.00 5.14 15.58
C LEU C 192 27.85 4.15 15.48
N LEU C 193 27.86 3.16 16.36
CA LEU C 193 26.83 2.14 16.37
C LEU C 193 25.47 2.56 16.91
N LEU C 194 25.45 3.56 17.79
CA LEU C 194 24.20 4.07 18.37
C LEU C 194 23.20 4.48 17.30
N ARG C 195 23.69 4.67 16.07
CA ARG C 195 22.84 5.05 14.96
C ARG C 195 22.01 3.89 14.40
N LEU C 196 22.62 2.71 14.29
CA LEU C 196 21.97 1.51 13.77
C LEU C 196 20.51 1.28 14.14
N PRO C 197 20.13 1.49 15.42
CA PRO C 197 18.74 1.28 15.85
C PRO C 197 17.79 2.29 15.16
N ALA C 198 18.12 3.57 15.28
CA ALA C 198 17.34 4.62 14.67
C ALA C 198 17.19 4.46 13.15
N LEU C 199 18.19 3.83 12.52
CA LEU C 199 18.18 3.59 11.07
C LEU C 199 17.22 2.45 10.73
N ARG C 200 17.12 1.48 11.63
CA ARG C 200 16.22 0.34 11.45
C ARG C 200 14.80 0.90 11.42
N SER C 201 14.39 1.55 12.51
CA SER C 201 13.06 2.13 12.57
C SER C 201 12.81 3.03 11.39
N ILE C 202 13.74 3.93 11.10
CA ILE C 202 13.56 4.84 9.98
C ILE C 202 13.47 4.09 8.65
N GLY C 203 14.38 3.14 8.42
CA GLY C 203 14.30 2.38 7.20
C GLY C 203 12.93 1.73 7.10
N LEU C 204 12.41 1.20 8.19
CA LEU C 204 11.09 0.56 8.16
C LEU C 204 9.97 1.52 7.72
N LYS C 205 9.96 2.72 8.29
CA LYS C 205 8.94 3.71 7.95
C LYS C 205 9.07 4.25 6.53
N CYS C 206 10.24 4.11 5.94
CA CYS C 206 10.47 4.55 4.57
C CYS C 206 9.95 3.53 3.58
N LEU C 207 9.73 2.31 4.03
CA LEU C 207 9.19 1.29 3.16
C LEU C 207 7.68 1.48 3.05
N GLU C 208 7.05 1.85 4.17
CA GLU C 208 5.61 2.12 4.15
C GLU C 208 5.39 3.09 3.00
N HIS C 209 6.04 4.24 3.04
CA HIS C 209 5.92 5.25 1.98
C HIS C 209 6.18 4.61 0.63
N LEU C 210 7.25 3.82 0.56
CA LEU C 210 7.61 3.16 -0.69
C LEU C 210 6.46 2.34 -1.26
N PHE C 211 5.80 1.57 -0.40
CA PHE C 211 4.68 0.79 -0.88
C PHE C 211 3.58 1.70 -1.40
N PHE C 212 3.23 2.74 -0.63
CA PHE C 212 2.20 3.67 -1.05
C PHE C 212 2.46 4.18 -2.46
N PHE C 213 3.68 4.59 -2.74
CA PHE C 213 3.99 5.12 -4.08
C PHE C 213 3.70 4.11 -5.18
N LYS C 214 3.99 2.84 -4.90
CA LYS C 214 3.84 1.74 -5.86
C LYS C 214 2.42 1.22 -6.05
N LEU C 215 1.86 0.71 -4.95
CA LEU C 215 0.54 0.11 -4.89
C LEU C 215 -0.62 1.07 -5.11
N ILE C 216 -0.49 2.27 -4.57
CA ILE C 216 -1.54 3.27 -4.69
C ILE C 216 -1.29 4.31 -5.80
N GLY C 217 -0.65 5.43 -5.44
CA GLY C 217 -0.36 6.48 -6.40
C GLY C 217 0.22 5.90 -7.68
N ASP C 218 0.20 6.64 -8.77
CA ASP C 218 0.73 6.09 -10.01
C ASP C 218 2.13 6.54 -10.39
N THR C 219 2.99 6.69 -9.39
CA THR C 219 4.37 7.08 -9.66
C THR C 219 4.94 5.92 -10.42
N PRO C 220 5.24 6.10 -11.71
CA PRO C 220 5.80 4.93 -12.40
C PRO C 220 7.08 4.52 -11.69
N ILE C 221 7.15 3.26 -11.27
CA ILE C 221 8.33 2.76 -10.56
C ILE C 221 9.22 1.95 -11.49
N ASP C 222 10.51 2.26 -11.46
CA ASP C 222 11.44 1.56 -12.33
C ASP C 222 11.77 0.14 -11.92
N THR C 223 12.07 -0.66 -12.95
CA THR C 223 12.41 -2.07 -12.83
C THR C 223 13.11 -2.54 -11.55
N PHE C 224 14.44 -2.42 -11.52
CA PHE C 224 15.24 -2.87 -10.39
C PHE C 224 14.57 -2.53 -9.05
N LEU C 225 14.14 -1.29 -8.91
CA LEU C 225 13.46 -0.82 -7.71
C LEU C 225 12.24 -1.68 -7.41
N MET C 226 11.38 -1.82 -8.42
CA MET C 226 10.16 -2.61 -8.37
C MET C 226 10.40 -4.04 -7.88
N GLU C 227 11.40 -4.68 -8.48
CA GLU C 227 11.77 -6.04 -8.14
C GLU C 227 12.20 -6.22 -6.69
N MET C 228 12.68 -5.16 -6.07
CA MET C 228 13.13 -5.22 -4.68
C MET C 228 12.07 -5.15 -3.60
N LEU C 229 10.80 -5.10 -3.96
CA LEU C 229 9.76 -5.03 -2.95
C LEU C 229 8.46 -5.77 -3.23
N GLU C 230 7.98 -6.46 -2.20
CA GLU C 230 6.73 -7.26 -2.20
C GLU C 230 6.44 -7.66 -0.74
N ALA C 231 5.43 -7.05 -0.10
CA ALA C 231 5.14 -7.39 1.30
C ALA C 231 3.73 -7.09 1.80
N PRO C 232 2.90 -8.14 1.97
CA PRO C 232 1.50 -8.09 2.44
C PRO C 232 1.36 -7.58 3.87
N PRO D 1 38.79 -3.88 32.28
CA PRO D 1 37.63 -3.49 33.11
C PRO D 1 37.57 -1.96 33.31
N VAL D 2 36.38 -1.38 33.11
CA VAL D 2 36.18 0.06 33.28
C VAL D 2 35.33 0.35 34.53
N GLN D 3 35.66 1.43 35.23
CA GLN D 3 34.95 1.82 36.46
C GLN D 3 33.46 2.14 36.29
N LEU D 4 32.85 2.59 37.38
CA LEU D 4 31.44 2.98 37.44
C LEU D 4 31.35 4.02 38.56
N SER D 5 31.44 5.30 38.20
CA SER D 5 31.36 6.40 39.16
C SER D 5 30.10 6.28 40.01
N LYS D 6 29.94 7.17 40.97
CA LYS D 6 28.76 7.14 41.83
C LYS D 6 27.48 7.47 41.06
N GLU D 7 27.62 7.91 39.81
CA GLU D 7 26.47 8.23 38.95
C GLU D 7 25.91 6.99 38.27
N GLN D 8 26.81 6.22 37.66
CA GLN D 8 26.43 4.98 36.98
C GLN D 8 26.03 3.92 38.00
N GLU D 9 26.52 4.07 39.23
CA GLU D 9 26.21 3.15 40.32
C GLU D 9 24.78 3.39 40.79
N GLU D 10 24.44 4.66 40.99
CA GLU D 10 23.10 5.02 41.42
C GLU D 10 22.08 4.68 40.32
N LEU D 11 22.54 4.69 39.07
CA LEU D 11 21.70 4.36 37.92
C LEU D 11 21.25 2.90 38.03
N ILE D 12 22.21 1.98 37.89
CA ILE D 12 21.94 0.55 37.98
C ILE D 12 21.21 0.17 39.26
N ARG D 13 21.44 0.93 40.33
CA ARG D 13 20.79 0.68 41.62
C ARG D 13 19.31 1.03 41.50
N THR D 14 19.01 2.21 40.98
CA THR D 14 17.63 2.67 40.81
C THR D 14 16.86 1.75 39.84
N LEU D 15 17.48 1.44 38.69
CA LEU D 15 16.86 0.56 37.69
C LEU D 15 16.56 -0.81 38.25
N LEU D 16 17.59 -1.51 38.74
CA LEU D 16 17.39 -2.83 39.33
C LEU D 16 16.49 -2.69 40.56
N GLY D 17 16.50 -1.51 41.16
CA GLY D 17 15.64 -1.27 42.30
C GLY D 17 14.21 -1.43 41.82
N ALA D 18 13.81 -0.59 40.86
CA ALA D 18 12.46 -0.58 40.29
C ALA D 18 12.12 -1.79 39.42
N HIS D 19 13.15 -2.42 38.84
CA HIS D 19 12.93 -3.57 37.98
C HIS D 19 12.59 -4.83 38.76
N THR D 20 13.31 -5.10 39.85
CA THR D 20 13.03 -6.28 40.65
C THR D 20 11.71 -6.07 41.38
N ARG D 21 11.40 -4.80 41.63
CA ARG D 21 10.17 -4.41 42.30
C ARG D 21 8.92 -4.83 41.52
N HIS D 22 8.89 -4.54 40.23
CA HIS D 22 7.73 -4.84 39.40
C HIS D 22 7.85 -6.00 38.43
N MET D 23 8.85 -5.92 37.55
CA MET D 23 9.03 -6.96 36.56
C MET D 23 10.05 -7.98 37.01
N GLY D 24 10.29 -8.99 36.19
CA GLY D 24 11.23 -10.02 36.57
C GLY D 24 10.60 -11.00 37.55
N THR D 25 9.67 -10.50 38.37
CA THR D 25 8.97 -11.29 39.37
C THR D 25 7.52 -11.58 38.94
N MET D 26 7.15 -11.08 37.76
CA MET D 26 5.81 -11.23 37.21
C MET D 26 5.57 -12.44 36.31
N PHE D 27 6.60 -13.20 36.01
CA PHE D 27 6.43 -14.34 35.13
C PHE D 27 5.74 -15.51 35.80
N GLU D 28 6.01 -15.68 37.09
CA GLU D 28 5.40 -16.76 37.87
C GLU D 28 3.94 -16.43 38.17
N GLN D 29 3.61 -15.14 38.12
CA GLN D 29 2.27 -14.65 38.38
C GLN D 29 1.32 -14.73 37.18
N PHE D 30 1.75 -15.38 36.12
CA PHE D 30 0.93 -15.55 34.93
C PHE D 30 -0.16 -16.56 35.26
N VAL D 31 0.20 -17.54 36.07
CA VAL D 31 -0.73 -18.56 36.50
C VAL D 31 -2.07 -17.91 36.89
N GLN D 32 -1.98 -16.73 37.51
CA GLN D 32 -3.12 -15.98 38.00
C GLN D 32 -4.07 -15.37 36.95
N PHE D 33 -4.00 -15.86 35.72
CA PHE D 33 -4.84 -15.35 34.64
C PHE D 33 -5.54 -16.39 33.80
N ARG D 34 -6.12 -17.39 34.48
CA ARG D 34 -6.83 -18.48 33.82
C ARG D 34 -6.02 -19.20 32.73
N PRO D 35 -4.79 -19.65 33.05
CA PRO D 35 -4.05 -20.33 32.00
C PRO D 35 -4.62 -21.73 31.68
N PRO D 36 -5.02 -21.94 30.41
CA PRO D 36 -5.57 -23.23 29.99
C PRO D 36 -4.69 -24.33 30.55
N ALA D 37 -5.29 -25.29 31.22
CA ALA D 37 -4.58 -26.40 31.83
C ALA D 37 -3.36 -26.96 31.05
N HIS D 38 -3.45 -27.11 29.73
CA HIS D 38 -2.32 -27.67 28.97
C HIS D 38 -0.98 -26.93 29.12
N LEU D 39 -1.03 -25.74 29.70
CA LEU D 39 0.17 -24.94 29.94
C LEU D 39 0.85 -25.50 31.20
N PHE D 40 0.10 -26.27 32.00
CA PHE D 40 0.62 -26.87 33.22
C PHE D 40 1.38 -28.18 32.98
N ILE D 41 0.78 -29.12 32.27
CA ILE D 41 1.46 -30.38 31.98
C ILE D 41 2.07 -30.30 30.58
N HIS D 42 3.29 -29.76 30.55
CA HIS D 42 4.08 -29.54 29.33
C HIS D 42 4.72 -30.76 28.69
N HIS D 43 3.89 -31.74 28.33
CA HIS D 43 4.35 -32.97 27.70
C HIS D 43 3.55 -33.18 26.43
N GLN D 44 2.25 -33.00 26.56
CA GLN D 44 1.32 -33.12 25.44
C GLN D 44 0.76 -31.71 25.27
N PRO D 45 0.67 -31.24 24.01
CA PRO D 45 0.17 -29.92 23.61
C PRO D 45 -1.33 -29.66 23.84
N LEU D 46 -1.93 -28.89 22.91
CA LEU D 46 -3.34 -28.56 22.95
C LEU D 46 -3.98 -29.48 21.90
N PRO D 47 -5.02 -30.23 22.28
CA PRO D 47 -5.60 -31.10 21.26
C PRO D 47 -5.99 -30.21 20.09
N THR D 48 -5.71 -30.67 18.88
CA THR D 48 -6.04 -29.92 17.68
C THR D 48 -7.44 -29.31 17.72
N LEU D 49 -8.43 -30.08 18.15
CA LEU D 49 -9.82 -29.62 18.17
C LEU D 49 -10.37 -28.90 19.41
N ALA D 50 -9.53 -28.68 20.42
CA ALA D 50 -9.98 -27.98 21.61
C ALA D 50 -10.17 -26.48 21.30
N PRO D 51 -11.24 -25.86 21.84
CA PRO D 51 -11.46 -24.42 21.57
C PRO D 51 -10.26 -23.58 22.03
N VAL D 52 -9.74 -22.77 21.10
CA VAL D 52 -8.59 -21.91 21.39
C VAL D 52 -8.91 -20.75 22.34
N LEU D 53 -10.14 -20.28 22.31
CA LEU D 53 -10.60 -19.18 23.15
C LEU D 53 -10.03 -19.06 24.57
N PRO D 54 -9.98 -20.18 25.32
CA PRO D 54 -9.44 -20.09 26.69
C PRO D 54 -7.95 -19.71 26.75
N LEU D 55 -7.21 -20.05 25.68
CA LEU D 55 -5.78 -19.76 25.55
C LEU D 55 -5.59 -18.32 25.10
N VAL D 56 -6.40 -17.94 24.11
CA VAL D 56 -6.38 -16.59 23.55
C VAL D 56 -6.77 -15.57 24.61
N THR D 57 -7.74 -15.93 25.44
CA THR D 57 -8.13 -15.03 26.51
C THR D 57 -6.95 -14.95 27.48
N HIS D 58 -6.22 -16.05 27.62
CA HIS D 58 -5.07 -16.04 28.51
C HIS D 58 -3.97 -15.14 27.94
N PHE D 59 -3.65 -15.32 26.66
CA PHE D 59 -2.63 -14.52 26.00
C PHE D 59 -2.97 -13.04 26.04
N ALA D 60 -4.18 -12.71 25.60
CA ALA D 60 -4.64 -11.33 25.59
C ALA D 60 -4.51 -10.73 26.99
N ASP D 61 -4.80 -11.52 28.00
CA ASP D 61 -4.75 -11.07 29.39
C ASP D 61 -3.35 -10.82 29.98
N ILE D 62 -2.47 -11.83 29.95
CA ILE D 62 -1.12 -11.62 30.50
C ILE D 62 -0.30 -10.68 29.61
N ASN D 63 -0.71 -10.54 28.35
CA ASN D 63 -0.04 -9.65 27.42
C ASN D 63 -0.24 -8.27 28.02
N THR D 64 -1.50 -7.86 28.16
CA THR D 64 -1.84 -6.56 28.75
C THR D 64 -1.21 -6.41 30.15
N PHE D 65 -0.95 -7.54 30.81
CA PHE D 65 -0.38 -7.57 32.15
C PHE D 65 1.09 -7.17 32.21
N MET D 66 1.90 -7.66 31.28
CA MET D 66 3.30 -7.31 31.27
C MET D 66 3.46 -5.81 31.09
N VAL D 67 2.76 -5.26 30.09
CA VAL D 67 2.81 -3.83 29.80
C VAL D 67 2.45 -2.98 31.02
N LEU D 68 1.51 -3.46 31.83
CA LEU D 68 1.13 -2.75 33.05
C LEU D 68 2.28 -2.70 34.04
N GLN D 69 3.21 -3.64 33.92
CA GLN D 69 4.40 -3.71 34.76
C GLN D 69 5.51 -2.88 34.11
N VAL D 70 5.52 -2.86 32.79
CA VAL D 70 6.49 -2.06 32.04
C VAL D 70 6.15 -0.63 32.41
N ILE D 71 4.86 -0.34 32.48
CA ILE D 71 4.39 0.97 32.87
C ILE D 71 4.67 1.19 34.35
N LYS D 72 4.37 0.19 35.17
CA LYS D 72 4.62 0.30 36.61
C LYS D 72 6.11 0.52 36.86
N PHE D 73 6.93 -0.33 36.27
CA PHE D 73 8.38 -0.24 36.41
C PHE D 73 8.89 1.18 36.19
N THR D 74 8.61 1.74 35.02
CA THR D 74 9.07 3.07 34.67
C THR D 74 8.49 4.22 35.49
N LYS D 75 7.24 4.08 35.95
CA LYS D 75 6.63 5.13 36.77
C LYS D 75 7.33 5.23 38.11
N ASP D 76 8.08 4.19 38.45
CA ASP D 76 8.88 4.12 39.68
C ASP D 76 10.29 4.52 39.24
N LEU D 77 10.38 5.57 38.42
CA LEU D 77 11.64 6.12 37.91
C LEU D 77 11.50 7.63 37.67
N PRO D 78 12.12 8.43 38.56
CA PRO D 78 12.19 9.89 38.66
C PRO D 78 12.40 10.65 37.35
N VAL D 79 13.39 10.20 36.59
CA VAL D 79 13.74 10.82 35.31
C VAL D 79 12.68 10.68 34.22
N PHE D 80 11.94 9.58 34.24
CA PHE D 80 10.90 9.36 33.26
C PHE D 80 9.69 10.24 33.62
N ARG D 81 9.27 10.17 34.88
CA ARG D 81 8.15 10.96 35.38
C ARG D 81 8.39 12.46 35.26
N SER D 82 9.66 12.86 35.32
CA SER D 82 10.07 14.25 35.20
C SER D 82 9.60 14.80 33.85
N LEU D 83 9.78 14.01 32.80
CA LEU D 83 9.36 14.40 31.45
C LEU D 83 7.90 14.80 31.40
N PRO D 84 7.51 15.51 30.33
CA PRO D 84 6.11 15.92 30.21
C PRO D 84 5.29 14.65 30.06
N ILE D 85 3.99 14.73 30.29
CA ILE D 85 3.14 13.56 30.15
C ILE D 85 3.19 12.97 28.74
N GLU D 86 3.19 13.86 27.74
CA GLU D 86 3.23 13.43 26.34
C GLU D 86 4.41 12.58 25.92
N ASP D 87 5.61 13.00 26.30
CA ASP D 87 6.81 12.26 25.94
C ASP D 87 6.84 10.89 26.58
N GLN D 88 6.49 10.80 27.85
CA GLN D 88 6.45 9.51 28.52
C GLN D 88 5.64 8.57 27.63
N ILE D 89 4.49 9.04 27.18
CA ILE D 89 3.64 8.27 26.32
C ILE D 89 4.38 7.80 25.07
N SER D 90 4.96 8.74 24.32
CA SER D 90 5.70 8.39 23.10
C SER D 90 6.82 7.41 23.36
N LEU D 91 7.42 7.51 24.53
CA LEU D 91 8.51 6.63 24.93
C LEU D 91 7.94 5.23 25.22
N LEU D 92 6.73 5.19 25.79
CA LEU D 92 6.07 3.93 26.11
C LEU D 92 5.45 3.28 24.88
N LYS D 93 5.06 4.08 23.90
CA LYS D 93 4.46 3.56 22.67
C LYS D 93 5.50 2.92 21.75
N GLY D 94 6.77 3.30 21.92
CA GLY D 94 7.78 2.72 21.07
C GLY D 94 8.61 1.63 21.69
N ALA D 95 8.70 1.63 23.02
CA ALA D 95 9.52 0.64 23.69
C ALA D 95 8.81 -0.34 24.62
N ALA D 96 7.54 -0.11 24.95
CA ALA D 96 6.81 -1.00 25.86
C ALA D 96 6.82 -2.46 25.39
N VAL D 97 6.50 -2.69 24.11
CA VAL D 97 6.51 -4.03 23.54
C VAL D 97 7.93 -4.61 23.49
N GLU D 98 8.91 -3.77 23.15
CA GLU D 98 10.30 -4.19 23.07
C GLU D 98 10.87 -4.56 24.41
N ILE D 99 10.41 -3.87 25.45
CA ILE D 99 10.84 -4.12 26.82
C ILE D 99 10.37 -5.46 27.30
N CYS D 100 9.14 -5.80 26.94
CA CYS D 100 8.57 -7.07 27.32
C CYS D 100 9.44 -8.21 26.84
N HIS D 101 10.01 -8.09 25.64
CA HIS D 101 10.87 -9.14 25.12
C HIS D 101 12.20 -9.21 25.88
N ILE D 102 12.70 -8.06 26.28
CA ILE D 102 13.95 -8.00 27.05
C ILE D 102 13.69 -8.77 28.35
N VAL D 103 12.76 -8.24 29.13
CA VAL D 103 12.34 -8.78 30.41
C VAL D 103 11.88 -10.25 30.33
N LEU D 104 11.15 -10.57 29.28
CA LEU D 104 10.63 -11.92 29.05
C LEU D 104 11.73 -12.92 28.64
N ASN D 105 12.82 -12.44 28.07
CA ASN D 105 13.91 -13.30 27.63
C ASN D 105 14.57 -14.04 28.79
N THR D 106 14.53 -13.43 29.96
CA THR D 106 15.11 -14.02 31.16
C THR D 106 14.52 -15.39 31.51
N THR D 107 13.32 -15.66 31.01
CA THR D 107 12.64 -16.94 31.26
C THR D 107 12.90 -18.00 30.19
N PHE D 108 13.14 -17.56 28.96
CA PHE D 108 13.40 -18.47 27.86
C PHE D 108 14.37 -19.59 28.26
N CYS D 109 14.07 -20.81 27.81
CA CYS D 109 14.93 -21.96 28.05
C CYS D 109 15.46 -22.28 26.66
N LEU D 110 16.77 -22.30 26.51
CA LEU D 110 17.36 -22.55 25.21
C LEU D 110 17.20 -23.97 24.64
N GLN D 111 17.29 -25.00 25.50
CA GLN D 111 17.15 -26.38 25.02
C GLN D 111 15.76 -26.60 24.45
N THR D 112 14.79 -26.55 25.36
CA THR D 112 13.40 -26.73 25.00
C THR D 112 12.95 -25.75 23.89
N GLN D 113 13.41 -24.51 24.00
CA GLN D 113 13.07 -23.42 23.07
C GLN D 113 11.70 -22.89 23.50
N ASN D 114 11.45 -22.94 24.80
CA ASN D 114 10.16 -22.53 25.36
C ASN D 114 10.39 -21.56 26.51
N PHE D 115 9.32 -20.85 26.86
CA PHE D 115 9.35 -19.89 27.95
C PHE D 115 8.79 -20.61 29.16
N LEU D 116 9.49 -20.52 30.27
CA LEU D 116 9.05 -21.20 31.49
C LEU D 116 8.76 -20.19 32.59
N CYS D 117 7.48 -19.91 32.76
CA CYS D 117 7.01 -18.93 33.73
C CYS D 117 6.21 -19.62 34.85
N GLY D 118 6.88 -19.96 35.95
CA GLY D 118 6.24 -20.67 37.05
C GLY D 118 6.14 -22.12 36.61
N PRO D 119 4.96 -22.76 36.74
CA PRO D 119 4.82 -24.16 36.32
C PRO D 119 4.38 -24.20 34.83
N LEU D 120 4.15 -23.00 34.29
CA LEU D 120 3.72 -22.78 32.90
C LEU D 120 4.87 -22.84 31.91
N ARG D 121 4.59 -23.48 30.79
CA ARG D 121 5.55 -23.62 29.71
C ARG D 121 4.84 -23.29 28.40
N TYR D 122 5.20 -22.14 27.82
CA TYR D 122 4.63 -21.70 26.54
C TYR D 122 5.56 -22.14 25.41
N THR D 123 4.99 -22.47 24.26
CA THR D 123 5.81 -22.88 23.13
C THR D 123 5.39 -22.09 21.91
N ILE D 124 6.14 -22.28 20.84
CA ILE D 124 5.85 -21.57 19.61
C ILE D 124 4.48 -21.94 19.06
N GLU D 125 4.13 -23.21 19.26
CA GLU D 125 2.86 -23.76 18.82
C GLU D 125 1.71 -23.01 19.50
N ASP D 126 1.96 -22.49 20.70
CA ASP D 126 0.96 -21.73 21.44
C ASP D 126 0.70 -20.38 20.81
N GLY D 127 1.72 -19.85 20.15
CA GLY D 127 1.56 -18.58 19.47
C GLY D 127 0.80 -18.96 18.22
N ALA D 128 1.20 -20.07 17.61
CA ALA D 128 0.55 -20.57 16.42
C ALA D 128 -0.97 -20.70 16.58
N ARG D 129 -1.40 -21.32 17.67
CA ARG D 129 -2.82 -21.52 17.95
C ARG D 129 -3.53 -20.18 18.09
N VAL D 130 -2.94 -19.31 18.92
CA VAL D 130 -3.49 -17.99 19.13
C VAL D 130 -3.82 -17.33 17.79
N GLY D 131 -2.88 -17.39 16.84
CA GLY D 131 -3.15 -16.82 15.52
C GLY D 131 -2.06 -16.03 14.82
N PHE D 132 -0.82 -16.09 15.32
CA PHE D 132 0.30 -15.36 14.72
C PHE D 132 0.89 -16.08 13.51
N GLN D 133 1.15 -15.34 12.43
CA GLN D 133 1.70 -15.94 11.22
C GLN D 133 3.01 -16.64 11.49
N VAL D 134 3.16 -17.78 10.82
CA VAL D 134 4.35 -18.62 10.94
C VAL D 134 5.66 -17.82 10.94
N GLU D 135 5.83 -16.95 9.95
CA GLU D 135 7.03 -16.13 9.83
C GLU D 135 7.31 -15.34 11.11
N PHE D 136 6.30 -14.64 11.59
CA PHE D 136 6.47 -13.84 12.79
C PHE D 136 6.96 -14.62 13.98
N LEU D 137 6.41 -15.82 14.15
CA LEU D 137 6.79 -16.66 15.25
C LEU D 137 8.25 -17.02 15.23
N GLU D 138 8.64 -17.89 14.30
CA GLU D 138 10.04 -18.30 14.20
C GLU D 138 10.98 -17.09 14.22
N LEU D 139 10.59 -16.02 13.53
CA LEU D 139 11.40 -14.83 13.55
C LEU D 139 11.56 -14.42 15.02
N LEU D 140 10.44 -14.18 15.68
CA LEU D 140 10.43 -13.78 17.08
C LEU D 140 11.20 -14.72 18.01
N PHE D 141 11.27 -16.01 17.64
CA PHE D 141 12.00 -16.98 18.45
C PHE D 141 13.51 -16.86 18.30
N HIS D 142 13.95 -16.71 17.05
CA HIS D 142 15.38 -16.55 16.78
C HIS D 142 15.92 -15.41 17.63
N PHE D 143 15.19 -14.30 17.66
CA PHE D 143 15.59 -13.15 18.46
C PHE D 143 15.88 -13.58 19.87
N HIS D 144 14.85 -14.07 20.55
CA HIS D 144 14.96 -14.52 21.93
C HIS D 144 16.06 -15.52 22.19
N GLY D 145 16.32 -16.39 21.22
CA GLY D 145 17.39 -17.36 21.38
C GLY D 145 18.72 -16.61 21.39
N THR D 146 18.84 -15.67 20.45
CA THR D 146 20.01 -14.82 20.30
C THR D 146 20.28 -14.01 21.57
N LEU D 147 19.28 -13.25 22.01
CA LEU D 147 19.39 -12.43 23.21
C LEU D 147 19.72 -13.21 24.50
N ARG D 148 19.10 -14.36 24.68
CA ARG D 148 19.35 -15.16 25.88
C ARG D 148 20.77 -15.73 25.93
N LYS D 149 21.25 -16.18 24.76
CA LYS D 149 22.60 -16.76 24.57
C LYS D 149 23.81 -15.96 25.03
N LEU D 150 23.67 -14.65 25.12
CA LEU D 150 24.78 -13.82 25.56
C LEU D 150 24.97 -13.87 27.08
N GLN D 151 24.06 -14.56 27.75
CA GLN D 151 24.12 -14.71 29.19
C GLN D 151 24.05 -13.38 29.88
N LEU D 152 23.11 -12.55 29.45
CA LEU D 152 22.95 -11.25 30.05
C LEU D 152 22.80 -11.46 31.54
N GLN D 153 23.32 -10.53 32.32
CA GLN D 153 23.20 -10.60 33.76
C GLN D 153 22.06 -9.66 34.07
N GLU D 154 21.43 -9.83 35.22
CA GLU D 154 20.30 -8.96 35.57
C GLU D 154 20.54 -7.49 35.23
N PRO D 155 21.57 -6.85 35.84
CA PRO D 155 21.78 -5.45 35.49
C PRO D 155 22.00 -5.23 33.97
N GLU D 156 22.63 -6.19 33.32
CA GLU D 156 22.88 -6.13 31.88
C GLU D 156 21.55 -6.18 31.11
N TYR D 157 20.54 -6.81 31.71
CA TYR D 157 19.22 -6.87 31.11
C TYR D 157 18.55 -5.52 31.38
N VAL D 158 18.43 -5.16 32.66
CA VAL D 158 17.81 -3.89 33.07
C VAL D 158 18.27 -2.66 32.30
N LEU D 159 19.57 -2.55 32.05
CA LEU D 159 20.09 -1.40 31.33
C LEU D 159 19.76 -1.47 29.83
N LEU D 160 19.75 -2.67 29.28
CA LEU D 160 19.41 -2.85 27.88
C LEU D 160 18.00 -2.32 27.63
N ALA D 161 17.09 -2.62 28.55
CA ALA D 161 15.72 -2.17 28.44
C ALA D 161 15.63 -0.65 28.66
N ALA D 162 16.59 -0.08 29.37
CA ALA D 162 16.63 1.36 29.63
C ALA D 162 16.76 2.13 28.31
N MET D 163 17.60 1.60 27.41
CA MET D 163 17.83 2.19 26.11
C MET D 163 16.64 2.02 25.18
N ALA D 164 15.94 0.90 25.31
CA ALA D 164 14.76 0.67 24.49
C ALA D 164 13.79 1.79 24.83
N LEU D 165 13.56 1.95 26.13
CA LEU D 165 12.67 2.97 26.68
C LEU D 165 13.05 4.38 26.29
N PHE D 166 14.31 4.71 26.54
CA PHE D 166 14.88 6.02 26.25
C PHE D 166 15.36 6.19 24.80
N SER D 167 14.40 6.41 23.90
CA SER D 167 14.71 6.59 22.49
C SER D 167 14.20 7.97 22.05
N PRO D 168 15.13 8.87 21.68
CA PRO D 168 14.71 10.20 21.26
C PRO D 168 13.95 10.19 19.93
N ASP D 169 14.20 9.22 19.06
CA ASP D 169 13.53 9.20 17.78
C ASP D 169 12.11 8.64 17.74
N ARG D 170 11.59 8.17 18.88
CA ARG D 170 10.22 7.65 18.93
C ARG D 170 9.26 8.75 18.52
N PRO D 171 8.46 8.51 17.46
CA PRO D 171 7.51 9.54 17.01
C PRO D 171 6.65 10.07 18.15
N GLY D 172 6.58 11.40 18.28
CA GLY D 172 5.78 11.99 19.34
C GLY D 172 6.49 12.62 20.53
N VAL D 173 7.82 12.63 20.55
CA VAL D 173 8.51 13.25 21.68
C VAL D 173 8.62 14.74 21.42
N THR D 174 8.50 15.52 22.49
CA THR D 174 8.60 16.96 22.43
C THR D 174 9.93 17.44 23.02
N GLN D 175 10.18 17.09 24.28
CA GLN D 175 11.44 17.48 24.94
C GLN D 175 12.51 16.48 24.50
N ARG D 176 12.75 16.45 23.19
CA ARG D 176 13.68 15.54 22.54
C ARG D 176 15.16 15.53 22.96
N ASP D 177 15.75 16.70 23.18
CA ASP D 177 17.16 16.80 23.57
C ASP D 177 17.44 16.33 24.99
N GLU D 178 16.49 16.62 25.88
CA GLU D 178 16.58 16.21 27.28
C GLU D 178 16.64 14.69 27.33
N ILE D 179 15.92 14.07 26.39
CA ILE D 179 15.84 12.62 26.21
C ILE D 179 17.06 12.06 25.50
N ASP D 180 17.73 12.89 24.71
CA ASP D 180 18.94 12.47 24.02
C ASP D 180 20.06 12.34 25.07
N GLN D 181 19.95 13.09 26.16
CA GLN D 181 20.91 13.08 27.26
C GLN D 181 20.82 11.77 28.05
N LEU D 182 19.61 11.47 28.51
CA LEU D 182 19.35 10.25 29.25
C LEU D 182 19.72 9.05 28.39
N GLN D 183 19.48 9.16 27.09
CA GLN D 183 19.80 8.08 26.17
C GLN D 183 21.26 7.66 26.30
N GLU D 184 22.16 8.56 25.90
CA GLU D 184 23.59 8.30 25.95
C GLU D 184 24.06 7.86 27.32
N GLU D 185 23.43 8.39 28.37
CA GLU D 185 23.78 8.03 29.74
C GLU D 185 23.77 6.52 29.94
N MET D 186 22.74 5.89 29.39
CA MET D 186 22.56 4.45 29.46
C MET D 186 23.62 3.77 28.62
N ALA D 187 23.66 4.10 27.33
CA ALA D 187 24.64 3.50 26.42
C ALA D 187 26.00 3.38 27.12
N LEU D 188 26.45 4.47 27.72
CA LEU D 188 27.74 4.52 28.41
C LEU D 188 27.76 3.70 29.67
N THR D 189 26.74 3.89 30.51
CA THR D 189 26.62 3.15 31.77
C THR D 189 26.54 1.63 31.51
N LEU D 190 26.24 1.27 30.27
CA LEU D 190 26.14 -0.12 29.85
C LEU D 190 27.47 -0.55 29.23
N GLN D 191 28.19 0.42 28.66
CA GLN D 191 29.50 0.15 28.05
C GLN D 191 30.53 -0.13 29.16
N SER D 192 30.25 0.38 30.36
CA SER D 192 31.11 0.22 31.55
C SER D 192 30.95 -1.17 32.11
N TYR D 193 29.70 -1.51 32.39
CA TYR D 193 29.40 -2.81 32.93
C TYR D 193 29.87 -3.89 31.95
N ILE D 194 29.87 -3.58 30.65
CA ILE D 194 30.31 -4.55 29.65
C ILE D 194 31.80 -4.84 29.78
N LYS D 195 32.62 -3.80 29.74
CA LYS D 195 34.06 -3.98 29.87
C LYS D 195 34.39 -4.62 31.21
N GLY D 196 33.70 -4.20 32.27
CA GLY D 196 33.95 -4.75 33.58
C GLY D 196 33.21 -6.06 33.86
N GLN D 197 33.23 -6.97 32.90
CA GLN D 197 32.56 -8.26 33.05
C GLN D 197 33.33 -9.12 34.05
N GLN D 198 32.58 -9.79 34.91
CA GLN D 198 33.16 -10.66 35.93
C GLN D 198 33.87 -11.84 35.28
N ARG D 199 33.13 -12.62 34.52
CA ARG D 199 33.65 -13.79 33.82
C ARG D 199 33.65 -13.55 32.32
N ARG D 200 34.66 -14.08 31.64
CA ARG D 200 34.76 -13.92 30.19
C ARG D 200 34.25 -15.13 29.38
N PRO D 201 33.18 -15.80 29.83
CA PRO D 201 32.78 -16.93 28.99
C PRO D 201 31.85 -16.43 27.88
N ARG D 202 32.22 -15.33 27.23
CA ARG D 202 31.41 -14.75 26.15
C ARG D 202 32.16 -13.74 25.28
N ASP D 203 31.48 -13.36 24.19
CA ASP D 203 31.99 -12.44 23.18
C ASP D 203 32.77 -11.22 23.63
N ARG D 204 33.18 -10.46 22.63
CA ARG D 204 33.91 -9.24 22.85
C ARG D 204 32.96 -8.07 22.58
N PHE D 205 32.36 -8.06 21.40
CA PHE D 205 31.44 -7.01 21.01
C PHE D 205 30.04 -7.27 21.54
N LEU D 206 29.90 -7.34 22.86
CA LEU D 206 28.61 -7.58 23.46
C LEU D 206 27.71 -6.36 23.27
N TYR D 207 28.25 -5.17 23.53
CA TYR D 207 27.50 -3.93 23.36
C TYR D 207 27.14 -3.79 21.89
N ALA D 208 28.14 -4.03 21.04
CA ALA D 208 27.97 -3.96 19.60
C ALA D 208 26.74 -4.75 19.16
N LYS D 209 26.78 -6.06 19.40
CA LYS D 209 25.71 -6.97 19.06
C LYS D 209 24.34 -6.56 19.64
N LEU D 210 24.34 -6.08 20.88
CA LEU D 210 23.10 -5.62 21.54
C LEU D 210 22.32 -4.56 20.77
N LEU D 211 23.03 -3.72 20.02
CA LEU D 211 22.36 -2.69 19.21
C LEU D 211 21.84 -3.32 17.92
N GLY D 212 22.32 -4.54 17.63
CA GLY D 212 21.87 -5.26 16.46
C GLY D 212 20.52 -5.86 16.82
N LEU D 213 20.39 -6.14 18.11
CA LEU D 213 19.17 -6.69 18.66
C LEU D 213 18.18 -5.57 18.89
N LEU D 214 18.66 -4.44 19.41
CA LEU D 214 17.79 -3.29 19.62
C LEU D 214 17.25 -2.77 18.27
N ALA D 215 18.00 -3.08 17.21
CA ALA D 215 17.62 -2.71 15.84
C ALA D 215 16.51 -3.69 15.48
N GLU D 216 16.67 -4.94 15.91
CA GLU D 216 15.71 -6.02 15.69
C GLU D 216 14.42 -5.87 16.52
N LEU D 217 14.52 -5.36 17.75
CA LEU D 217 13.36 -5.13 18.60
C LEU D 217 12.41 -4.07 18.01
N ARG D 218 12.91 -3.29 17.07
CA ARG D 218 12.11 -2.27 16.41
C ARG D 218 11.45 -2.94 15.24
N SER D 219 12.23 -3.74 14.52
CA SER D 219 11.74 -4.52 13.38
C SER D 219 10.65 -5.45 13.96
N ILE D 220 10.75 -5.73 15.25
CA ILE D 220 9.83 -6.60 15.98
C ILE D 220 8.63 -5.87 16.58
N ASN D 221 8.85 -4.75 17.27
CA ASN D 221 7.74 -3.99 17.85
C ASN D 221 6.84 -3.59 16.68
N GLU D 222 7.42 -3.53 15.49
CA GLU D 222 6.69 -3.17 14.28
C GLU D 222 5.79 -4.32 13.86
N ALA D 223 6.40 -5.41 13.39
CA ALA D 223 5.63 -6.58 12.94
C ALA D 223 4.55 -7.02 13.94
N TYR D 224 4.85 -6.92 15.24
CA TYR D 224 3.88 -7.28 16.27
C TYR D 224 2.59 -6.53 16.01
N GLY D 225 2.70 -5.20 15.97
CA GLY D 225 1.53 -4.37 15.72
C GLY D 225 0.59 -4.86 14.63
N TYR D 226 1.14 -5.30 13.50
CA TYR D 226 0.34 -5.79 12.38
C TYR D 226 -0.43 -7.07 12.71
N GLN D 227 0.24 -8.01 13.36
CA GLN D 227 -0.38 -9.28 13.70
C GLN D 227 -1.60 -9.13 14.64
N ILE D 228 -1.60 -8.13 15.53
CA ILE D 228 -2.76 -7.97 16.39
C ILE D 228 -3.89 -7.28 15.62
N GLN D 229 -3.66 -7.09 14.31
CA GLN D 229 -4.62 -6.50 13.40
C GLN D 229 -5.16 -7.69 12.63
N HIS D 230 -4.24 -8.45 12.06
CA HIS D 230 -4.57 -9.65 11.28
C HIS D 230 -5.61 -10.47 12.05
N ILE D 231 -5.26 -10.91 13.25
CA ILE D 231 -6.14 -11.73 14.08
C ILE D 231 -7.39 -11.00 14.50
N GLN D 232 -8.53 -11.54 14.07
CA GLN D 232 -9.85 -10.99 14.35
C GLN D 232 -10.19 -10.88 15.82
N GLY D 233 -10.86 -9.78 16.18
CA GLY D 233 -11.27 -9.56 17.56
C GLY D 233 -10.20 -9.69 18.62
N LEU D 234 -8.95 -9.85 18.18
CA LEU D 234 -7.81 -10.00 19.06
C LEU D 234 -7.46 -8.63 19.62
N SER D 235 -7.36 -7.66 18.73
CA SER D 235 -7.05 -6.30 19.13
C SER D 235 -8.06 -5.88 20.21
N ALA D 236 -9.33 -6.18 19.95
CA ALA D 236 -10.42 -5.87 20.86
C ALA D 236 -10.25 -6.44 22.28
N MET D 237 -9.57 -7.56 22.39
CA MET D 237 -9.36 -8.19 23.69
C MET D 237 -8.31 -7.56 24.61
N MET D 238 -7.64 -6.53 24.11
CA MET D 238 -6.63 -5.82 24.89
C MET D 238 -6.48 -4.42 24.32
N PRO D 239 -7.33 -3.50 24.80
CA PRO D 239 -7.39 -2.10 24.41
C PRO D 239 -6.06 -1.39 24.64
N LEU D 240 -5.36 -1.79 25.69
CA LEU D 240 -4.08 -1.20 26.01
C LEU D 240 -3.09 -1.43 24.88
N LEU D 241 -2.85 -2.70 24.57
CA LEU D 241 -1.91 -3.03 23.48
C LEU D 241 -2.35 -2.38 22.19
N GLN D 242 -3.67 -2.16 22.11
CA GLN D 242 -4.34 -1.53 20.99
C GLN D 242 -3.94 -0.04 20.90
N GLU D 243 -3.75 0.59 22.06
CA GLU D 243 -3.35 1.99 22.13
C GLU D 243 -1.84 2.14 21.99
N ILE D 244 -1.09 1.21 22.55
CA ILE D 244 0.36 1.25 22.45
C ILE D 244 0.80 1.15 21.00
N CYS D 245 0.05 0.40 20.20
CA CYS D 245 0.37 0.23 18.80
C CYS D 245 -0.37 1.22 17.88
N SER D 246 -1.05 2.20 18.47
CA SER D 246 -1.80 3.20 17.72
C SER D 246 -0.91 3.99 16.76
N HIS E 3 -21.93 -9.56 8.35
CA HIS E 3 -22.17 -8.09 8.24
C HIS E 3 -23.14 -7.56 9.31
N LYS E 4 -22.74 -7.63 10.57
CA LYS E 4 -23.56 -7.19 11.71
C LYS E 4 -24.31 -5.87 11.54
N ILE E 5 -23.56 -4.77 11.50
CA ILE E 5 -24.11 -3.42 11.38
C ILE E 5 -25.02 -3.15 10.20
N LEU E 6 -24.56 -3.44 9.00
CA LEU E 6 -25.36 -3.20 7.80
C LEU E 6 -26.75 -3.79 7.90
N HIS E 7 -26.86 -5.03 8.39
CA HIS E 7 -28.15 -5.73 8.51
C HIS E 7 -29.15 -5.03 9.43
N ARG E 8 -28.70 -4.67 10.62
CA ARG E 8 -29.54 -3.99 11.60
C ARG E 8 -30.22 -2.73 11.05
N LEU E 9 -29.44 -1.89 10.37
CA LEU E 9 -29.95 -0.64 9.80
C LEU E 9 -31.02 -0.83 8.73
N LEU E 10 -30.76 -1.71 7.77
CA LEU E 10 -31.73 -1.97 6.71
C LEU E 10 -33.06 -2.49 7.23
N GLN E 11 -33.10 -2.82 8.51
CA GLN E 11 -34.32 -3.32 9.12
C GLN E 11 -35.09 -2.25 9.89
N GLU E 12 -34.59 -1.90 11.08
CA GLU E 12 -35.23 -0.89 11.94
C GLU E 12 -35.84 0.31 11.22
N ARG F 2 12.10 2.13 -18.22
CA ARG F 2 10.80 2.88 -18.26
C ARG F 2 9.98 2.65 -19.52
N HIS F 3 8.89 1.91 -19.40
CA HIS F 3 7.99 1.65 -20.53
C HIS F 3 8.79 1.49 -21.82
N LYS F 4 9.79 0.63 -21.79
CA LYS F 4 10.66 0.41 -22.94
C LYS F 4 9.92 0.09 -24.25
N ILE F 5 9.37 -1.12 -24.33
CA ILE F 5 8.69 -1.60 -25.52
C ILE F 5 7.58 -0.70 -26.07
N LEU F 6 6.76 -0.09 -25.21
CA LEU F 6 5.69 0.80 -25.68
C LEU F 6 6.33 1.97 -26.40
N HIS F 7 7.32 2.59 -25.75
CA HIS F 7 8.05 3.70 -26.34
C HIS F 7 8.43 3.13 -27.71
N ARG F 8 9.22 2.07 -27.69
CA ARG F 8 9.68 1.40 -28.89
C ARG F 8 8.56 1.32 -29.94
N LEU F 9 7.49 0.64 -29.59
CA LEU F 9 6.34 0.44 -30.48
C LEU F 9 5.75 1.69 -31.11
N LEU F 10 5.34 2.66 -30.29
CA LEU F 10 4.73 3.90 -30.79
C LEU F 10 5.64 4.82 -31.61
N GLN F 11 6.85 4.38 -31.89
CA GLN F 11 7.79 5.17 -32.67
C GLN F 11 7.26 5.46 -34.07
N GLU F 12 7.32 4.45 -34.94
CA GLU F 12 6.87 4.59 -36.33
C GLU F 12 6.26 3.32 -36.92
N GLY F 13 5.76 3.44 -38.16
CA GLY F 13 5.15 2.33 -38.86
C GLY F 13 5.75 0.98 -38.50
N GLU G 1 14.70 -17.15 -10.68
CA GLU G 1 13.24 -17.38 -10.49
C GLU G 1 12.53 -16.06 -10.18
N ARG G 2 12.57 -15.62 -8.92
CA ARG G 2 11.92 -14.37 -8.54
C ARG G 2 12.77 -13.14 -8.84
N HIS G 3 13.89 -13.01 -8.15
CA HIS G 3 14.78 -11.87 -8.35
C HIS G 3 15.67 -12.13 -9.57
N LYS G 4 15.19 -11.66 -10.73
CA LYS G 4 15.88 -11.84 -12.01
C LYS G 4 17.07 -10.94 -12.28
N ILE G 5 16.92 -9.62 -12.09
CA ILE G 5 18.02 -8.70 -12.34
C ILE G 5 19.13 -8.78 -11.29
N LEU G 6 18.76 -9.03 -10.03
CA LEU G 6 19.74 -9.12 -8.96
C LEU G 6 20.74 -10.28 -9.14
N HIS G 7 20.28 -11.39 -9.74
CA HIS G 7 21.11 -12.58 -9.99
C HIS G 7 22.10 -12.35 -11.13
N ARG G 8 21.63 -11.66 -12.15
CA ARG G 8 22.44 -11.32 -13.31
C ARG G 8 23.63 -10.44 -12.86
N LEU G 9 23.34 -9.48 -11.97
CA LEU G 9 24.33 -8.54 -11.45
C LEU G 9 25.42 -9.11 -10.55
N LEU G 10 25.04 -9.90 -9.56
CA LEU G 10 26.03 -10.49 -8.65
C LEU G 10 26.99 -11.49 -9.32
N GLN G 11 26.96 -11.57 -10.65
CA GLN G 11 27.81 -12.49 -11.37
C GLN G 11 28.75 -11.85 -12.39
N GLU G 12 28.20 -11.52 -13.56
CA GLU G 12 28.98 -10.93 -14.64
C GLU G 12 30.07 -9.93 -14.27
N GLU H 1 -6.10 10.51 18.01
CA GLU H 1 -5.62 9.77 19.21
C GLU H 1 -5.85 10.57 20.48
N ARG H 2 -6.45 9.93 21.47
CA ARG H 2 -6.72 10.57 22.74
C ARG H 2 -5.92 9.81 23.80
N HIS H 3 -5.85 8.49 23.63
CA HIS H 3 -5.12 7.63 24.56
C HIS H 3 -5.49 7.93 26.00
N LYS H 4 -6.76 7.80 26.32
CA LYS H 4 -7.26 8.06 27.67
C LYS H 4 -6.72 7.08 28.70
N ILE H 5 -6.76 5.79 28.37
CA ILE H 5 -6.30 4.73 29.28
C ILE H 5 -4.90 5.04 29.81
N LEU H 6 -4.01 5.51 28.93
CA LEU H 6 -2.66 5.85 29.32
C LEU H 6 -2.68 7.00 30.32
N HIS H 7 -3.34 8.10 29.94
CA HIS H 7 -3.47 9.27 30.80
C HIS H 7 -3.64 8.78 32.23
N ARG H 8 -4.65 7.92 32.43
CA ARG H 8 -4.96 7.35 33.73
C ARG H 8 -3.72 6.98 34.54
N LEU H 9 -2.94 6.02 34.05
CA LEU H 9 -1.75 5.57 34.77
C LEU H 9 -0.60 6.57 34.84
N LEU H 10 -0.56 7.52 33.92
CA LEU H 10 0.51 8.49 33.95
C LEU H 10 0.11 9.77 34.67
N GLN H 11 -0.28 9.61 35.93
CA GLN H 11 -0.69 10.74 36.75
C GLN H 11 -0.23 10.52 38.19
N GLU H 12 -0.83 9.54 38.86
CA GLU H 12 -0.46 9.26 40.24
C GLU H 12 0.67 8.23 40.28
C1 F15 I . -18.48 12.63 2.78
O2 F15 I . -19.50 12.54 2.10
O3 F15 I . -18.18 13.72 3.26
C4 F15 I . -17.59 11.35 3.14
C5 F15 I . -16.73 10.66 1.99
C6 F15 I . -15.30 8.98 0.87
C7 F15 I . -14.69 7.60 0.68
C8 F15 I . -15.98 9.29 2.23
C9 F15 I . -13.24 7.56 1.23
C10 F15 I . -12.12 7.06 0.26
C11 F15 I . -11.02 8.09 0.02
C12 F15 I . -9.58 7.92 0.62
C13 F15 I . -8.65 9.23 0.53
C2 F15 I . -8.16 9.79 -0.87
C3 F15 I . -9.06 10.76 -1.67
C14 F15 I . -9.35 12.04 -0.89
C15 F15 I . -10.07 12.98 -1.82
H22 F15 I . -18.25 10.62 3.56
H23 F15 I . -16.93 11.64 3.95
H24 F15 I . -16.01 11.36 1.63
H25 F15 I . -17.39 10.48 1.15
H26 F15 I . -16.04 9.10 0.10
H1 F15 I . -14.55 9.73 0.68
H27 F15 I . -14.67 7.41 -0.38
H2 F15 I . -15.32 6.84 1.12
H28 F15 I . -16.64 8.49 2.48
H29 F15 I . -15.25 9.36 3.02
H30 F15 I . -13.22 6.91 2.09
H31 F15 I . -12.99 8.54 1.62
H33 F15 I . -11.68 6.16 0.64
H5 F15 I . -12.58 6.82 -0.68
H34 F15 I . -11.42 9.05 0.35
H6 F15 I . -10.94 8.19 -1.06
H36 F15 I . -9.08 7.11 0.14
H37 F15 I . -9.66 7.66 1.66
H3 F15 I . -7.74 9.00 1.05
H4 F15 I . -9.08 10.05 1.07
H7 F15 I . -7.88 8.98 -1.53
H8 F15 I . -7.26 10.35 -0.68
H9 F15 I . -9.98 10.29 -1.98
H10 F15 I . -8.56 11.07 -2.58
H11 F15 I . -8.43 12.46 -0.53
H12 F15 I . -9.95 11.81 -0.01
H13 F15 I . -10.99 12.57 -2.19
H14 F15 I . -9.45 13.24 -2.66
H15 F15 I . -10.29 13.90 -1.27
C1 F15 J . 20.13 7.92 -2.60
O2 F15 J . 20.23 9.13 -2.80
O3 F15 J . 20.85 7.35 -1.78
C4 F15 J . 19.03 7.16 -3.44
C5 F15 J . 17.57 7.06 -2.79
C6 F15 J . 15.74 5.58 -1.45
C7 F15 J . 15.33 5.57 0.05
C8 F15 J . 17.23 5.84 -1.85
C9 F15 J . 13.81 5.21 0.17
C10 F15 J . 13.00 5.73 1.39
C11 F15 J . 12.64 7.22 1.26
C12 F15 J . 11.16 7.69 1.30
C13 F15 J . 11.10 9.23 1.38
C2 F15 J . 11.45 9.80 2.78
C3 F15 J . 11.83 11.31 2.88
C14 F15 J . 13.35 11.53 2.89
C15 F15 J . 13.80 12.77 2.14
H22 F15 J . 19.41 6.19 -3.73
H23 F15 J . 18.94 7.71 -4.37
H24 F15 J . 16.85 7.03 -3.60
H25 F15 J . 17.34 7.97 -2.25
H26 F15 J . 15.10 6.25 -2.01
H1 F15 J . 15.47 4.60 -1.82
H27 F15 J . 15.53 6.53 0.48
H2 F15 J . 15.93 4.86 0.60
H28 F15 J . 17.83 5.86 -0.95
H29 F15 J . 17.51 4.95 -2.40
H30 F15 J . 13.71 4.12 0.16
H31 F15 J . 13.28 5.54 -0.72
H33 F15 J . 12.11 5.13 1.50
H5 F15 J . 13.60 5.55 2.27
H34 F15 J . 13.05 7.60 0.35
H6 F15 J . 13.18 7.73 2.05
H36 F15 J . 10.63 7.26 2.14
H37 F15 J . 10.63 7.35 0.42
H3 F15 J . 10.10 9.54 1.12
H4 F15 J . 11.75 9.64 0.62
H7 F15 J . 12.28 9.24 3.18
H8 F15 J . 10.63 9.59 3.44
H9 F15 J . 11.43 11.73 3.80
H10 F15 J . 11.37 11.87 2.08
H11 F15 J . 13.84 10.69 2.42
H12 F15 J . 13.72 11.57 3.91
H13 F15 J . 14.86 12.92 2.26
H14 F15 J . 13.30 13.65 2.53
H15 F15 J . 13.59 12.68 1.10
C1 CI2 K . -6.47 -10.17 -21.42
C1 CI2 K . 3.25 -8.70 23.02
C2 CI2 K . -7.67 -10.62 -20.60
C2 CI2 K . 3.98 -9.60 22.01
O3 CI2 K . -8.37 -9.85 -20.02
O3 CI2 K . 4.84 -9.19 21.31
C4 CI2 K . -7.89 -12.11 -20.51
C4 CI2 K . 3.48 -11.03 21.92
C5 CI2 K . -8.74 -12.65 -19.31
C5 CI2 K . 3.78 -11.72 20.54
C6 CI2 K . -9.32 -14.00 -19.78
C6 CI2 K . 3.99 -13.21 20.87
C7 CI2 K . -8.72 -14.12 -21.20
C7 CI2 K . 3.62 -13.29 22.36
C8 CI2 K . -9.30 -15.13 -22.19
C8 CI2 K . 3.94 -14.55 23.19
C9 CI2 K . -9.30 -16.54 -21.53
C9 CI2 K . 3.41 -15.84 22.47
C10 CI2 K . -9.76 -17.60 -22.54
C10 CI2 K . 3.62 -17.11 23.33
C11 CI2 K . -8.98 -17.62 -23.87
C11 CI2 K . 3.01 -16.99 24.74
C12 CI2 K . -7.60 -18.18 -23.53
C12 CI2 K . 1.45 -17.16 24.62
C13 CI2 K . -6.59 -18.05 -24.67
C13 CI2 K . 0.63 -16.77 25.89
O14 CI2 K . -5.66 -18.79 -24.73
O14 CI2 K . -0.44 -17.27 26.07
C15 CI2 K . -6.68 -16.88 -25.62
C15 CI2 K . 1.18 -15.65 26.78
C16 CI2 K . -8.08 -16.32 -25.86
C16 CI2 K . 2.71 -15.62 26.86
C17 CI2 K . -8.96 -16.24 -24.57
C17 CI2 K . 3.47 -15.71 25.51
C18 CI2 K . -10.38 -15.93 -25.07
C18 CI2 K . 4.97 -15.93 25.82
C19 CI2 K . -8.47 -15.14 -23.54
C19 CI2 K . 3.31 -14.41 24.62
C20 CI2 K . -8.24 -13.70 -24.13
C20 CI2 K . 3.73 -13.07 25.30
C21 CI2 K . -7.72 -12.68 -23.05
C21 CI2 K . 3.43 -11.84 24.41
C22 CI2 K . -8.56 -12.69 -21.75
C22 CI2 K . 4.06 -11.96 23.01
C23 CI2 K . -9.85 -11.95 -22.05
C23 CI2 K . 5.56 -11.75 23.14
H24 CI2 K . -6.21 -9.17 -21.11
H24 CI2 K . 3.66 -7.71 22.92
H25 CI2 K . -6.71 -10.16 -22.47
H25 CI2 K . 3.47 -9.03 24.02
H26 CI2 K . -5.63 -10.81 -21.24
H26 CI2 K . 2.18 -8.69 22.79
H27 CI2 K . -6.90 -12.54 -20.45
H27 CI2 K . 2.39 -11.02 22.02
H28 CI2 K . -9.58 -11.99 -19.09
H28 CI2 K . 4.68 -11.32 20.10
H29 CI2 K . -8.16 -12.76 -18.40
H29 CI2 K . 2.98 -11.57 19.83
H30 CI2 K . -9.04 -14.84 -19.15
H30 CI2 K . 3.36 -13.84 20.26
H31 CI2 K . -10.39 -13.99 -19.81
H31 CI2 K . 5.02 -13.49 20.72
H32 CI2 K . -7.72 -14.48 -21.05
H32 CI2 K . 2.56 -13.26 22.35
H33 CI2 K . -10.32 -14.87 -22.43
H33 CI2 K . 5.01 -14.61 23.31
H34 CI2 K . -9.95 -16.54 -20.67
H34 CI2 K . 3.89 -15.95 21.52
H35 CI2 K . -8.32 -16.75 -21.15
H35 CI2 K . 2.36 -15.72 22.23
H36 CI2 K . -10.78 -17.39 -22.79
H36 CI2 K . 4.68 -17.30 23.44
H37 CI2 K . -9.69 -18.57 -22.09
H37 CI2 K . 3.22 -17.98 22.81
H38 CI2 K . -9.47 -18.29 -24.53
H38 CI2 K . 3.37 -17.83 25.33
H39 CI2 K . -7.17 -17.66 -22.70
H39 CI2 K . 1.11 -16.51 23.83
H40 CI2 K . -7.67 -19.21 -23.23
H40 CI2 K . 1.18 -18.15 24.31
H41 CI2 K . -6.22 -17.15 -26.55
H41 CI2 K . 0.75 -15.76 27.77
H42 CI2 K . -6.10 -16.14 -25.13
H42 CI2 K . 0.82 -14.71 26.38
H43 CI2 K . -8.02 -15.36 -26.35
H43 CI2 K . 3.04 -14.75 27.41
H44 CI2 K . -8.58 -16.98 -26.55
H44 CI2 K . 3.02 -16.46 27.46
H45 CI2 K . -10.74 -16.74 -25.69
H45 CI2 K . 5.11 -16.84 26.37
H46 CI2 K . -10.39 -15.02 -25.64
H46 CI2 K . 5.37 -15.10 26.39
H47 CI2 K . -11.08 -15.82 -24.24
H47 CI2 K . 5.56 -16.01 24.92
H48 CI2 K . -7.48 -15.46 -23.24
H48 CI2 K . 2.25 -14.31 24.45
H49 CI2 K . -7.52 -13.75 -24.95
H49 CI2 K . 3.18 -12.94 26.22
H50 CI2 K . -9.15 -13.34 -24.59
H50 CI2 K . 4.78 -13.09 25.54
H51 CI2 K . -6.70 -12.90 -22.82
H51 CI2 K . 2.35 -11.73 24.32
H52 CI2 K . -7.73 -11.69 -23.46
H52 CI2 K . 3.79 -10.95 24.90
H53 CI2 K . -10.37 -12.41 -22.86
H53 CI2 K . 5.98 -12.47 23.81
H54 CI2 K . -9.62 -10.94 -22.33
H54 CI2 K . 5.80 -10.78 23.51
H55 CI2 K . -10.51 -11.93 -21.20
H55 CI2 K . 6.05 -11.87 22.18
#